data_4KF5
#
_entry.id   4KF5
#
_cell.length_a   74.360
_cell.length_b   86.490
_cell.length_c   167.941
_cell.angle_alpha   90.00
_cell.angle_beta   90.00
_cell.angle_gamma   90.00
#
_symmetry.space_group_name_H-M   'P 21 21 21'
#
loop_
_entity.id
_entity.type
_entity.pdbx_description
1 polymer 'fluorescent protein GFP1-9'
2 polymer 'fluorescent protein sfCherry+GFP10-11'
3 water water
#
loop_
_entity_poly.entity_id
_entity_poly.type
_entity_poly.pdbx_seq_one_letter_code
_entity_poly.pdbx_strand_id
1 'polypeptide(L)'
;MRKGEELFTGVVPILIELDGDVNGHKFFVRGEGEGDATIGKLSLKFICTTGKLPVPWPTLVTTL(CRO)VQCFSRYPDHM
KRHDFFKSAMPEGYVQERTIYFKDDGTYKTRAEVKFEGDTLVNRIELKGIDFKEDGNILGHKLEYNFNSHKVYITADKQN
NGIKANFTIRHNVEDGSVQLADHYQQNTPIGDGPVLLP
;
A,B
2 'polypeptide(L)'
;NMAIIKEFMRFKVHMEGSVNGHEFEIEGEGEGHPYEGTQTAKLKVTKGGPLPFAWDILSPQF(CH6)SKAYVKHPADIPD
YLKLSFPEGFTWERVMNFEDGGVVTVTQDSSLQDGEFIYKVKLLGTNFPSDGPVMQKKTMGWEASTERMYPEDGALKGEI
NQRLKLKDDLPDDHYLSTQTILSKDLNEKRDHMVLLEYVTAAGITDASGGHYDAEVKTTYKAKKPVQLPGAYNVDIKLDI
TSHNEDYTIVEQYERAEGRHSTGG
;
C,D
#
# COMPACT_ATOMS: atom_id res chain seq x y z
N LYS A 3 -26.42 -5.61 17.78
CA LYS A 3 -24.99 -5.36 17.87
C LYS A 3 -24.28 -5.83 16.60
N GLY A 4 -23.72 -7.04 16.62
CA GLY A 4 -22.99 -7.51 15.47
C GLY A 4 -21.48 -7.58 15.59
N GLU A 5 -20.91 -6.83 16.53
CA GLU A 5 -19.47 -6.77 16.71
C GLU A 5 -18.85 -8.15 16.98
N GLU A 6 -19.67 -9.04 17.54
CA GLU A 6 -19.24 -10.39 17.85
C GLU A 6 -18.77 -11.11 16.59
N LEU A 7 -19.49 -10.89 15.49
CA LEU A 7 -19.17 -11.51 14.21
C LEU A 7 -17.78 -11.13 13.71
N PHE A 8 -17.39 -9.88 13.99
CA PHE A 8 -16.15 -9.32 13.44
C PHE A 8 -14.96 -9.41 14.37
N THR A 9 -15.13 -10.09 15.51
CA THR A 9 -14.05 -10.24 16.48
C THR A 9 -12.83 -11.01 15.94
N GLY A 10 -12.99 -11.61 14.77
CA GLY A 10 -11.94 -12.39 14.16
C GLY A 10 -12.01 -12.39 12.65
N VAL A 11 -11.11 -13.15 12.02
CA VAL A 11 -11.03 -13.23 10.57
C VAL A 11 -12.35 -13.72 9.95
N VAL A 12 -12.90 -12.93 9.04
CA VAL A 12 -14.13 -13.30 8.34
C VAL A 12 -13.92 -13.46 6.82
N PRO A 13 -14.18 -14.67 6.29
CA PRO A 13 -14.08 -14.93 4.85
C PRO A 13 -15.07 -14.08 4.05
N ILE A 14 -14.67 -13.66 2.85
CA ILE A 14 -15.46 -12.72 2.06
C ILE A 14 -15.74 -13.22 0.64
N LEU A 15 -16.96 -13.00 0.17
CA LEU A 15 -17.33 -13.23 -1.22
C LEU A 15 -17.91 -11.98 -1.85
N ILE A 16 -17.41 -11.63 -3.04
CA ILE A 16 -17.88 -10.46 -3.77
C ILE A 16 -18.21 -10.80 -5.24
N GLU A 17 -19.37 -10.34 -5.69
CA GLU A 17 -19.79 -10.56 -7.08
C GLU A 17 -20.32 -9.28 -7.71
N LEU A 18 -19.86 -8.98 -8.92
CA LEU A 18 -20.23 -7.75 -9.61
C LEU A 18 -20.71 -8.01 -11.03
N ASP A 19 -21.94 -7.59 -11.34
CA ASP A 19 -22.39 -7.57 -12.72
C ASP A 19 -22.36 -6.13 -13.21
N GLY A 20 -21.39 -5.80 -14.06
CA GLY A 20 -21.29 -4.45 -14.58
C GLY A 20 -21.83 -4.28 -15.98
N ASP A 21 -22.20 -3.04 -16.30
CA ASP A 21 -22.49 -2.64 -17.67
C ASP A 21 -21.91 -1.24 -17.86
N VAL A 22 -20.94 -1.09 -18.77
CA VAL A 22 -20.37 0.22 -19.03
C VAL A 22 -20.39 0.53 -20.52
N ASN A 23 -21.19 1.52 -20.90
CA ASN A 23 -21.38 1.88 -22.31
C ASN A 23 -21.68 0.68 -23.19
N GLY A 24 -22.45 -0.27 -22.66
CA GLY A 24 -22.82 -1.46 -23.40
C GLY A 24 -21.89 -2.63 -23.14
N HIS A 25 -20.68 -2.34 -22.66
CA HIS A 25 -19.73 -3.40 -22.34
C HIS A 25 -20.16 -4.11 -21.07
N LYS A 26 -20.39 -5.42 -21.17
CA LYS A 26 -20.88 -6.18 -20.02
C LYS A 26 -19.79 -7.11 -19.49
N PHE A 27 -19.71 -7.20 -18.16
CA PHE A 27 -18.66 -7.97 -17.52
C PHE A 27 -19.07 -8.47 -16.14
N PHE A 28 -18.38 -9.51 -15.66
CA PHE A 28 -18.64 -10.05 -14.33
C PHE A 28 -17.32 -10.25 -13.59
N VAL A 29 -17.27 -9.75 -12.35
CA VAL A 29 -16.08 -9.89 -11.53
C VAL A 29 -16.39 -10.60 -10.22
N ARG A 30 -15.61 -11.63 -9.90
CA ARG A 30 -15.74 -12.35 -8.64
C ARG A 30 -14.46 -12.20 -7.83
N GLY A 31 -14.58 -12.20 -6.51
CA GLY A 31 -13.40 -12.14 -5.66
C GLY A 31 -13.59 -12.83 -4.32
N GLU A 32 -12.48 -13.28 -3.75
CA GLU A 32 -12.49 -14.06 -2.51
C GLU A 32 -11.33 -13.65 -1.61
N GLY A 33 -11.53 -13.77 -0.31
CA GLY A 33 -10.50 -13.44 0.65
C GLY A 33 -11.04 -13.36 2.06
N GLU A 34 -10.32 -12.66 2.92
CA GLU A 34 -10.68 -12.58 4.33
C GLU A 34 -10.44 -11.18 4.90
N GLY A 35 -11.45 -10.65 5.59
CA GLY A 35 -11.28 -9.41 6.32
C GLY A 35 -10.97 -9.64 7.78
N ASP A 36 -10.27 -8.68 8.39
CA ASP A 36 -10.08 -8.67 9.83
C ASP A 36 -10.46 -7.29 10.36
N ALA A 37 -11.55 -7.23 11.11
CA ALA A 37 -12.08 -5.94 11.53
C ALA A 37 -11.32 -5.40 12.74
N THR A 38 -10.62 -6.28 13.45
CA THR A 38 -9.87 -5.87 14.62
C THR A 38 -8.68 -4.99 14.21
N ILE A 39 -8.00 -5.37 13.13
CA ILE A 39 -6.94 -4.53 12.57
C ILE A 39 -7.37 -3.71 11.35
N GLY A 40 -8.62 -3.88 10.92
CA GLY A 40 -9.13 -3.15 9.77
C GLY A 40 -8.48 -3.54 8.44
N LYS A 41 -8.11 -4.80 8.31
CA LYS A 41 -7.36 -5.27 7.15
C LYS A 41 -8.23 -6.06 6.18
N LEU A 42 -7.95 -5.89 4.88
CA LEU A 42 -8.61 -6.66 3.83
C LEU A 42 -7.57 -7.34 2.95
N SER A 43 -7.77 -8.63 2.69
CA SER A 43 -6.94 -9.35 1.74
C SER A 43 -7.84 -10.03 0.73
N LEU A 44 -7.78 -9.59 -0.53
CA LEU A 44 -8.71 -10.09 -1.54
C LEU A 44 -8.07 -10.25 -2.92
N LYS A 45 -8.54 -11.24 -3.66
CA LYS A 45 -8.12 -11.44 -5.05
C LYS A 45 -9.36 -11.44 -5.95
N PHE A 46 -9.34 -10.61 -6.99
CA PHE A 46 -10.49 -10.48 -7.87
C PHE A 46 -10.20 -11.03 -9.26
N ILE A 47 -11.23 -11.62 -9.88
CA ILE A 47 -11.09 -12.20 -11.22
C ILE A 47 -12.25 -11.80 -12.13
N CYS A 48 -11.92 -11.30 -13.31
CA CYS A 48 -12.93 -11.08 -14.34
C CYS A 48 -13.15 -12.36 -15.13
N THR A 49 -14.39 -12.86 -15.12
CA THR A 49 -14.71 -14.13 -15.77
C THR A 49 -15.07 -13.97 -17.25
N THR A 50 -15.27 -12.72 -17.67
CA THR A 50 -15.71 -12.40 -19.03
C THR A 50 -14.56 -12.11 -20.00
N GLY A 51 -13.33 -12.37 -19.58
CA GLY A 51 -12.17 -12.00 -20.37
C GLY A 51 -11.71 -10.59 -20.03
N LYS A 52 -11.24 -9.87 -21.03
CA LYS A 52 -10.71 -8.52 -20.80
C LYS A 52 -11.71 -7.58 -20.12
N LEU A 53 -11.25 -6.90 -19.08
CA LEU A 53 -12.06 -5.91 -18.37
C LEU A 53 -12.12 -4.61 -19.16
N PRO A 54 -13.33 -4.18 -19.54
CA PRO A 54 -13.53 -2.96 -20.35
C PRO A 54 -13.13 -1.68 -19.62
N VAL A 55 -13.00 -1.75 -18.29
CA VAL A 55 -12.58 -0.59 -17.51
C VAL A 55 -11.34 -0.93 -16.69
N PRO A 56 -10.57 0.09 -16.27
CA PRO A 56 -9.41 -0.18 -15.42
C PRO A 56 -9.82 -0.68 -14.03
N TRP A 57 -9.08 -1.63 -13.50
CA TRP A 57 -9.34 -2.16 -12.15
C TRP A 57 -9.46 -1.11 -11.04
N PRO A 58 -8.57 -0.09 -11.02
CA PRO A 58 -8.69 0.89 -9.94
C PRO A 58 -10.08 1.54 -9.83
N THR A 59 -10.78 1.67 -10.96
CA THR A 59 -12.08 2.33 -10.98
C THR A 59 -13.15 1.49 -10.27
N LEU A 60 -12.90 0.19 -10.15
CA LEU A 60 -13.83 -0.70 -9.49
C LEU A 60 -13.54 -0.92 -8.00
N VAL A 61 -12.42 -0.38 -7.52
CA VAL A 61 -11.98 -0.65 -6.16
C VAL A 61 -12.99 -0.21 -5.10
N THR A 62 -13.36 1.07 -5.10
CA THR A 62 -14.30 1.59 -4.12
C THR A 62 -15.63 0.85 -4.21
N THR A 63 -15.98 0.43 -5.41
CA THR A 63 -17.21 -0.31 -5.62
C THR A 63 -17.10 -1.72 -5.01
N LEU A 64 -16.03 -2.42 -5.35
CA LEU A 64 -15.78 -3.75 -4.82
C LEU A 64 -15.58 -3.73 -3.31
N VAL A 66 -16.66 -3.25 1.18
CA VAL A 66 -17.13 -3.92 2.40
C VAL A 66 -16.61 -3.20 3.64
N GLN A 67 -17.08 -1.97 3.83
CA GLN A 67 -16.56 -1.08 4.86
C GLN A 67 -16.86 -1.55 6.29
N CYS A 68 -17.63 -2.63 6.41
CA CYS A 68 -17.88 -3.23 7.72
C CYS A 68 -16.61 -3.80 8.35
N PHE A 69 -15.54 -3.91 7.56
CA PHE A 69 -14.27 -4.40 8.06
C PHE A 69 -13.34 -3.27 8.48
N SER A 70 -13.83 -2.04 8.43
CA SER A 70 -13.08 -0.90 8.93
C SER A 70 -12.90 -1.04 10.44
N ARG A 71 -11.70 -0.73 10.94
CA ARG A 71 -11.45 -0.79 12.36
C ARG A 71 -12.01 0.45 13.05
N TYR A 72 -12.94 0.23 13.98
CA TYR A 72 -13.46 1.32 14.80
C TYR A 72 -12.85 1.26 16.19
N PRO A 73 -12.06 2.27 16.56
CA PRO A 73 -11.45 2.35 17.88
C PRO A 73 -12.50 2.21 18.98
N ASP A 74 -12.12 1.66 20.12
CA ASP A 74 -13.06 1.30 21.18
C ASP A 74 -14.06 2.41 21.52
N HIS A 75 -13.56 3.64 21.59
CA HIS A 75 -14.40 4.77 21.95
C HIS A 75 -15.40 5.12 20.84
N MET A 76 -15.07 4.76 19.60
CA MET A 76 -15.94 5.03 18.46
C MET A 76 -16.83 3.83 18.09
N LYS A 77 -16.73 2.75 18.86
CA LYS A 77 -17.44 1.51 18.55
C LYS A 77 -18.95 1.68 18.41
N ARG A 78 -19.54 2.56 19.22
CA ARG A 78 -20.97 2.79 19.17
C ARG A 78 -21.37 3.55 17.90
N HIS A 79 -20.38 4.09 17.21
CA HIS A 79 -20.61 4.86 15.98
C HIS A 79 -20.50 4.01 14.71
N ASP A 80 -20.37 2.69 14.86
CA ASP A 80 -20.17 1.83 13.71
C ASP A 80 -21.53 1.38 13.16
N PHE A 81 -21.88 1.88 11.99
CA PHE A 81 -23.17 1.59 11.37
C PHE A 81 -23.17 0.24 10.67
N PHE A 82 -22.07 -0.07 10.02
CA PHE A 82 -21.97 -1.26 9.17
C PHE A 82 -22.11 -2.55 9.96
N LYS A 83 -21.32 -2.70 11.02
CA LYS A 83 -21.37 -3.90 11.85
C LYS A 83 -22.72 -4.03 12.54
N SER A 84 -23.37 -2.89 12.79
CA SER A 84 -24.64 -2.86 13.49
C SER A 84 -25.77 -3.51 12.69
N ALA A 85 -25.73 -3.34 11.37
CA ALA A 85 -26.77 -3.88 10.50
C ALA A 85 -26.66 -5.39 10.33
N MET A 86 -25.48 -5.93 10.62
CA MET A 86 -25.25 -7.37 10.50
C MET A 86 -26.01 -8.15 11.56
N PRO A 87 -26.29 -9.44 11.29
CA PRO A 87 -26.06 -10.21 10.06
C PRO A 87 -27.00 -9.83 8.92
N GLU A 88 -28.10 -9.15 9.23
CA GLU A 88 -29.11 -8.77 8.24
C GLU A 88 -28.50 -8.06 7.04
N GLY A 89 -27.64 -7.10 7.31
CA GLY A 89 -26.90 -6.43 6.25
C GLY A 89 -27.45 -5.07 5.84
N TYR A 90 -26.76 -4.43 4.91
CA TYR A 90 -27.14 -3.10 4.45
C TYR A 90 -27.08 -2.97 2.93
N VAL A 91 -27.79 -1.96 2.41
CA VAL A 91 -27.77 -1.66 0.98
C VAL A 91 -26.91 -0.44 0.71
N GLN A 92 -25.89 -0.61 -0.14
CA GLN A 92 -24.96 0.48 -0.44
C GLN A 92 -25.12 0.98 -1.87
N GLU A 93 -25.59 2.21 -2.02
CA GLU A 93 -25.76 2.83 -3.33
C GLU A 93 -24.77 3.97 -3.53
N ARG A 94 -24.21 4.05 -4.73
CA ARG A 94 -23.28 5.13 -5.06
C ARG A 94 -23.53 5.70 -6.45
N THR A 95 -23.13 6.96 -6.63
CA THR A 95 -23.06 7.57 -7.95
C THR A 95 -21.71 8.25 -8.09
N ILE A 96 -20.90 7.77 -9.01
CA ILE A 96 -19.54 8.26 -9.14
C ILE A 96 -19.36 9.15 -10.38
N TYR A 97 -18.97 10.39 -10.15
CA TYR A 97 -18.76 11.33 -11.24
C TYR A 97 -17.28 11.40 -11.60
N PHE A 98 -16.92 10.86 -12.75
CA PHE A 98 -15.56 10.97 -13.24
C PHE A 98 -15.39 12.30 -13.96
N LYS A 99 -14.40 13.07 -13.51
CA LYS A 99 -14.13 14.40 -14.05
C LYS A 99 -13.92 14.35 -15.55
N ASP A 100 -14.71 15.15 -16.27
CA ASP A 100 -14.67 15.21 -17.73
C ASP A 100 -14.90 13.84 -18.39
N ASP A 101 -15.74 13.02 -17.76
CA ASP A 101 -16.02 11.68 -18.29
C ASP A 101 -17.36 11.16 -17.79
N GLY A 102 -17.60 9.87 -18.03
CA GLY A 102 -18.87 9.25 -17.67
C GLY A 102 -19.08 9.04 -16.18
N THR A 103 -20.14 8.32 -15.84
CA THR A 103 -20.50 8.10 -14.43
C THR A 103 -20.92 6.66 -14.13
N TYR A 104 -20.40 6.12 -13.02
CA TYR A 104 -20.86 4.84 -12.50
C TYR A 104 -22.09 5.00 -11.62
N LYS A 105 -22.94 3.99 -11.63
CA LYS A 105 -24.06 3.91 -10.68
C LYS A 105 -24.17 2.49 -10.16
N THR A 106 -24.09 2.33 -8.85
CA THR A 106 -24.01 1.01 -8.24
C THR A 106 -25.08 0.75 -7.19
N ARG A 107 -25.53 -0.51 -7.12
CA ARG A 107 -26.41 -0.95 -6.04
C ARG A 107 -25.89 -2.28 -5.49
N ALA A 108 -25.61 -2.31 -4.20
CA ALA A 108 -25.02 -3.49 -3.58
C ALA A 108 -25.71 -3.90 -2.29
N GLU A 109 -25.80 -5.22 -2.07
CA GLU A 109 -26.31 -5.75 -0.81
C GLU A 109 -25.19 -6.47 -0.06
N VAL A 110 -24.83 -5.94 1.11
CA VAL A 110 -23.75 -6.51 1.90
C VAL A 110 -24.33 -7.19 3.14
N LYS A 111 -24.27 -8.51 3.19
CA LYS A 111 -24.85 -9.27 4.29
C LYS A 111 -24.11 -10.56 4.55
N PHE A 112 -24.61 -11.35 5.49
CA PHE A 112 -24.03 -12.65 5.80
C PHE A 112 -24.83 -13.81 5.22
N GLU A 113 -24.18 -14.56 4.34
CA GLU A 113 -24.72 -15.83 3.89
C GLU A 113 -23.88 -16.94 4.50
N GLY A 114 -24.44 -17.65 5.46
CA GLY A 114 -23.67 -18.60 6.23
C GLY A 114 -22.62 -17.88 7.07
N ASP A 115 -21.39 -18.38 7.03
CA ASP A 115 -20.29 -17.80 7.81
C ASP A 115 -19.46 -16.80 7.01
N THR A 116 -19.84 -16.57 5.75
CA THR A 116 -19.07 -15.67 4.90
C THR A 116 -19.81 -14.37 4.65
N LEU A 117 -19.06 -13.27 4.59
CA LEU A 117 -19.66 -11.98 4.30
C LEU A 117 -19.77 -11.81 2.79
N VAL A 118 -20.96 -11.48 2.32
CA VAL A 118 -21.24 -11.44 0.89
C VAL A 118 -21.59 -10.04 0.41
N ASN A 119 -20.95 -9.61 -0.66
CA ASN A 119 -21.25 -8.33 -1.30
C ASN A 119 -21.60 -8.53 -2.78
N ARG A 120 -22.84 -8.26 -3.14
CA ARG A 120 -23.31 -8.44 -4.52
C ARG A 120 -23.65 -7.10 -5.15
N ILE A 121 -22.91 -6.74 -6.20
CA ILE A 121 -23.03 -5.40 -6.78
C ILE A 121 -23.61 -5.42 -8.19
N GLU A 122 -24.36 -4.37 -8.51
CA GLU A 122 -24.86 -4.15 -9.86
C GLU A 122 -24.43 -2.76 -10.32
N LEU A 123 -23.59 -2.72 -11.35
CA LEU A 123 -23.00 -1.46 -11.80
C LEU A 123 -23.42 -1.11 -13.22
N LYS A 124 -23.82 0.16 -13.41
CA LYS A 124 -24.14 0.66 -14.75
C LYS A 124 -23.41 1.97 -15.03
N GLY A 125 -22.46 1.94 -15.96
CA GLY A 125 -21.81 3.15 -16.43
C GLY A 125 -22.43 3.71 -17.70
N ILE A 126 -22.33 5.03 -17.88
CA ILE A 126 -22.85 5.71 -19.07
C ILE A 126 -22.03 6.96 -19.41
N ASP A 127 -22.18 7.43 -20.64
CA ASP A 127 -21.62 8.70 -21.09
C ASP A 127 -20.09 8.78 -20.98
N PHE A 128 -19.41 7.65 -21.08
CA PHE A 128 -17.95 7.62 -21.02
C PHE A 128 -17.33 7.92 -22.37
N LYS A 129 -16.29 8.74 -22.37
CA LYS A 129 -15.54 9.03 -23.59
C LYS A 129 -14.80 7.78 -24.08
N GLU A 130 -14.92 7.50 -25.37
CA GLU A 130 -14.30 6.32 -25.95
C GLU A 130 -12.77 6.41 -25.84
N ASP A 131 -12.25 7.63 -25.95
CA ASP A 131 -10.82 7.87 -25.79
C ASP A 131 -10.44 8.38 -24.38
N GLY A 132 -11.41 8.44 -23.48
CA GLY A 132 -11.17 8.93 -22.14
C GLY A 132 -10.24 8.01 -21.35
N ASN A 133 -9.91 8.39 -20.12
CA ASN A 133 -8.98 7.63 -19.30
C ASN A 133 -9.50 6.26 -18.89
N ILE A 134 -10.81 6.15 -18.74
CA ILE A 134 -11.42 4.88 -18.33
C ILE A 134 -11.48 3.90 -19.49
N LEU A 135 -12.26 4.23 -20.53
CA LEU A 135 -12.39 3.32 -21.67
C LEU A 135 -11.08 3.18 -22.44
N GLY A 136 -10.21 4.18 -22.32
CA GLY A 136 -8.93 4.15 -23.02
C GLY A 136 -7.81 3.50 -22.22
N HIS A 137 -8.12 3.10 -20.99
CA HIS A 137 -7.16 2.44 -20.10
C HIS A 137 -5.87 3.23 -19.90
N LYS A 138 -6.00 4.51 -19.56
CA LYS A 138 -4.83 5.36 -19.34
C LYS A 138 -4.46 5.49 -17.85
N LEU A 139 -5.20 4.78 -16.99
CA LEU A 139 -4.96 4.89 -15.54
C LEU A 139 -3.86 3.94 -15.06
N GLU A 140 -3.04 4.44 -14.15
CA GLU A 140 -1.96 3.63 -13.58
C GLU A 140 -2.52 2.56 -12.67
N TYR A 141 -1.78 1.47 -12.49
CA TYR A 141 -2.25 0.41 -11.61
C TYR A 141 -1.66 0.64 -10.22
N ASN A 142 -2.50 1.21 -9.35
CA ASN A 142 -2.18 1.58 -7.98
C ASN A 142 -3.36 2.35 -7.38
N PHE A 143 -3.28 2.66 -6.10
CA PHE A 143 -4.33 3.43 -5.44
C PHE A 143 -3.70 4.36 -4.41
N ASN A 144 -4.43 5.41 -4.04
CA ASN A 144 -3.91 6.38 -3.10
C ASN A 144 -4.70 6.39 -1.80
N SER A 145 -4.26 7.20 -0.84
CA SER A 145 -4.92 7.27 0.46
C SER A 145 -6.06 8.28 0.42
N HIS A 146 -7.16 7.98 1.09
CA HIS A 146 -8.32 8.87 1.06
C HIS A 146 -9.00 9.02 2.41
N LYS A 147 -9.99 9.92 2.44
CA LYS A 147 -10.82 10.14 3.61
C LYS A 147 -12.29 9.99 3.22
N VAL A 148 -12.98 9.06 3.87
CA VAL A 148 -14.41 8.91 3.62
C VAL A 148 -15.17 9.61 4.71
N TYR A 149 -15.80 10.74 4.37
CA TYR A 149 -16.52 11.52 5.37
C TYR A 149 -17.93 10.99 5.52
N ILE A 150 -18.24 10.50 6.73
CA ILE A 150 -19.53 9.89 6.96
C ILE A 150 -20.44 10.78 7.81
N THR A 151 -21.61 11.06 7.27
CA THR A 151 -22.65 11.76 8.00
C THR A 151 -23.91 10.90 7.99
N ALA A 152 -24.60 10.85 9.13
CA ALA A 152 -25.81 10.06 9.25
C ALA A 152 -27.02 10.84 8.76
N ASP A 153 -27.85 10.22 7.92
CA ASP A 153 -28.99 10.94 7.38
C ASP A 153 -30.36 10.42 7.81
N LYS A 154 -30.97 11.16 8.72
CA LYS A 154 -32.42 11.32 8.85
C LYS A 154 -33.29 10.08 8.66
N GLN A 155 -34.29 10.24 7.79
CA GLN A 155 -35.40 9.30 7.63
C GLN A 155 -34.99 7.94 7.08
N ASN A 156 -33.78 7.83 6.55
CA ASN A 156 -33.31 6.58 5.98
C ASN A 156 -32.86 5.59 7.05
N ASN A 157 -32.84 6.05 8.30
CA ASN A 157 -32.37 5.25 9.43
C ASN A 157 -30.98 4.70 9.15
N GLY A 158 -30.15 5.54 8.53
CA GLY A 158 -28.87 5.10 8.00
C GLY A 158 -27.93 6.25 7.72
N ILE A 159 -26.87 5.98 6.96
CA ILE A 159 -25.78 6.93 6.80
C ILE A 159 -25.61 7.44 5.37
N LYS A 160 -24.98 8.60 5.26
CA LYS A 160 -24.62 9.18 3.96
C LYS A 160 -23.10 9.39 3.92
N ALA A 161 -22.55 9.43 2.72
CA ALA A 161 -21.11 9.61 2.57
C ALA A 161 -20.74 10.29 1.27
N ASN A 162 -19.64 11.04 1.29
CA ASN A 162 -19.05 11.56 0.07
C ASN A 162 -17.54 11.75 0.20
N PHE A 163 -16.85 11.69 -0.94
CA PHE A 163 -15.40 11.79 -1.01
C PHE A 163 -14.94 11.76 -2.46
N THR A 164 -13.71 12.17 -2.70
CA THR A 164 -13.17 12.22 -4.06
C THR A 164 -11.94 11.33 -4.19
N ILE A 165 -12.02 10.35 -5.08
CA ILE A 165 -10.92 9.42 -5.30
C ILE A 165 -9.94 9.98 -6.34
N ARG A 166 -8.65 9.90 -6.04
CA ARG A 166 -7.64 10.38 -6.97
C ARG A 166 -6.97 9.23 -7.71
N HIS A 167 -7.26 9.11 -8.99
CA HIS A 167 -6.66 8.08 -9.84
C HIS A 167 -5.51 8.64 -10.66
N ASN A 168 -4.31 8.12 -10.42
CA ASN A 168 -3.14 8.57 -11.16
C ASN A 168 -3.18 8.12 -12.62
N VAL A 169 -3.01 9.09 -13.52
CA VAL A 169 -2.98 8.81 -14.94
C VAL A 169 -1.53 8.65 -15.37
N GLU A 170 -1.28 7.74 -16.31
CA GLU A 170 0.08 7.37 -16.67
C GLU A 170 0.87 8.51 -17.33
N ASP A 171 0.18 9.58 -17.71
CA ASP A 171 0.85 10.74 -18.29
C ASP A 171 1.29 11.75 -17.24
N GLY A 172 1.00 11.45 -15.98
CA GLY A 172 1.41 12.32 -14.88
C GLY A 172 0.27 13.12 -14.26
N SER A 173 -0.87 13.15 -14.95
CA SER A 173 -2.02 13.90 -14.46
C SER A 173 -2.83 13.07 -13.45
N VAL A 174 -3.95 13.62 -13.01
CA VAL A 174 -4.80 12.95 -12.02
C VAL A 174 -6.26 12.94 -12.46
N GLN A 175 -6.87 11.75 -12.44
CA GLN A 175 -8.27 11.60 -12.79
C GLN A 175 -9.12 11.47 -11.53
N LEU A 176 -9.94 12.47 -11.27
CA LEU A 176 -10.74 12.51 -10.05
C LEU A 176 -12.09 11.81 -10.22
N ALA A 177 -12.53 11.14 -9.15
CA ALA A 177 -13.86 10.53 -9.13
C ALA A 177 -14.62 10.95 -7.88
N ASP A 178 -15.68 11.73 -8.07
CA ASP A 178 -16.50 12.18 -6.95
C ASP A 178 -17.51 11.11 -6.56
N HIS A 179 -17.43 10.65 -5.32
CA HIS A 179 -18.33 9.61 -4.84
C HIS A 179 -19.45 10.18 -3.98
N TYR A 180 -20.68 9.82 -4.31
CA TYR A 180 -21.82 10.18 -3.47
C TYR A 180 -22.50 8.90 -2.99
N GLN A 181 -22.39 8.62 -1.70
CA GLN A 181 -22.81 7.35 -1.15
C GLN A 181 -23.94 7.47 -0.13
N GLN A 182 -24.85 6.50 -0.16
CA GLN A 182 -25.88 6.38 0.86
C GLN A 182 -26.09 4.91 1.19
N ASN A 183 -26.26 4.62 2.48
CA ASN A 183 -26.56 3.26 2.92
C ASN A 183 -27.90 3.18 3.63
N THR A 184 -28.27 1.98 4.02
CA THR A 184 -29.60 1.70 4.58
C THR A 184 -29.64 0.23 5.00
N PRO A 185 -30.20 -0.05 6.18
CA PRO A 185 -30.29 -1.44 6.67
C PRO A 185 -31.21 -2.31 5.82
N ILE A 186 -31.33 -3.58 6.19
CA ILE A 186 -32.23 -4.50 5.52
C ILE A 186 -33.38 -4.89 6.44
N GLY A 187 -33.06 -5.53 7.55
CA GLY A 187 -34.05 -5.83 8.57
C GLY A 187 -34.66 -4.55 9.12
N ASP A 188 -35.92 -4.61 9.52
CA ASP A 188 -36.63 -3.42 9.96
C ASP A 188 -36.68 -3.33 11.48
N GLY A 189 -35.96 -2.35 12.02
CA GLY A 189 -35.89 -2.15 13.46
C GLY A 189 -34.72 -1.28 13.87
N PRO A 190 -34.39 -1.29 15.18
CA PRO A 190 -33.32 -0.47 15.75
C PRO A 190 -31.92 -0.88 15.26
N VAL A 191 -31.07 0.12 15.03
CA VAL A 191 -29.71 -0.10 14.56
C VAL A 191 -28.70 0.34 15.63
N LEU A 192 -28.75 1.63 15.97
CA LEU A 192 -27.92 2.24 17.01
C LEU A 192 -26.48 2.36 16.55
N LYS B 3 27.05 -13.97 -7.98
CA LYS B 3 26.08 -13.32 -8.85
C LYS B 3 25.09 -12.52 -8.00
N GLY B 4 24.72 -11.33 -8.46
CA GLY B 4 23.83 -10.50 -7.68
C GLY B 4 22.35 -10.79 -7.81
N GLU B 5 21.90 -11.25 -8.97
CA GLU B 5 20.49 -11.63 -9.13
C GLU B 5 20.23 -12.88 -8.29
N GLU B 6 21.29 -13.66 -8.13
CA GLU B 6 21.32 -14.90 -7.38
C GLU B 6 20.96 -14.78 -5.91
N LEU B 7 21.47 -13.73 -5.27
CA LEU B 7 21.21 -13.49 -3.85
C LEU B 7 19.73 -13.26 -3.58
N PHE B 8 19.05 -12.63 -4.53
CA PHE B 8 17.68 -12.17 -4.35
C PHE B 8 16.60 -13.14 -4.86
N THR B 9 17.03 -14.32 -5.29
CA THR B 9 16.10 -15.32 -5.83
C THR B 9 15.07 -15.78 -4.79
N GLY B 10 15.27 -15.39 -3.54
CA GLY B 10 14.37 -15.76 -2.46
C GLY B 10 14.36 -14.71 -1.36
N VAL B 11 13.62 -14.99 -0.29
CA VAL B 11 13.48 -14.06 0.82
C VAL B 11 14.82 -13.72 1.46
N VAL B 12 15.12 -12.41 1.53
CA VAL B 12 16.35 -11.93 2.15
C VAL B 12 16.05 -11.06 3.37
N PRO B 13 16.54 -11.48 4.55
CA PRO B 13 16.38 -10.72 5.80
C PRO B 13 17.02 -9.34 5.73
N ILE B 14 16.40 -8.35 6.38
CA ILE B 14 16.87 -6.97 6.26
C ILE B 14 17.13 -6.32 7.62
N LEU B 15 18.23 -5.59 7.70
CA LEU B 15 18.52 -4.76 8.87
C LEU B 15 18.73 -3.32 8.42
N ILE B 16 18.05 -2.38 9.08
CA ILE B 16 18.21 -0.97 8.73
C ILE B 16 18.49 -0.14 9.99
N GLU B 17 19.49 0.73 9.90
CA GLU B 17 19.86 1.60 11.00
C GLU B 17 20.03 3.04 10.53
N LEU B 18 19.44 3.97 11.27
CA LEU B 18 19.45 5.39 10.90
C LEU B 18 19.91 6.26 12.06
N ASP B 19 20.98 7.01 11.86
CA ASP B 19 21.35 8.06 12.80
C ASP B 19 20.96 9.41 12.21
N GLY B 20 19.91 10.01 12.75
CA GLY B 20 19.48 11.31 12.27
C GLY B 20 19.87 12.51 13.11
N ASP B 21 19.90 13.67 12.45
CA ASP B 21 19.98 14.95 13.13
C ASP B 21 19.06 15.94 12.41
N VAL B 22 18.05 16.44 13.10
CA VAL B 22 17.15 17.42 12.49
C VAL B 22 17.00 18.64 13.39
N ASN B 23 17.52 19.78 12.93
CA ASN B 23 17.51 21.02 13.69
C ASN B 23 18.02 20.84 15.12
N GLY B 24 19.02 19.99 15.28
CA GLY B 24 19.60 19.70 16.57
C GLY B 24 18.99 18.50 17.26
N HIS B 25 17.79 18.12 16.87
CA HIS B 25 17.15 16.95 17.44
C HIS B 25 17.82 15.69 16.92
N LYS B 26 18.33 14.86 17.84
CA LYS B 26 19.06 13.66 17.46
C LYS B 26 18.25 12.41 17.79
N PHE B 27 18.28 11.43 16.89
CA PHE B 27 17.50 10.22 17.03
C PHE B 27 18.12 9.04 16.30
N PHE B 28 17.73 7.84 16.71
CA PHE B 28 18.20 6.62 16.06
C PHE B 28 17.03 5.70 15.75
N VAL B 29 16.98 5.22 14.52
CA VAL B 29 15.92 4.31 14.09
C VAL B 29 16.48 2.98 13.61
N ARG B 30 15.95 1.89 14.15
CA ARG B 30 16.32 0.55 13.72
C ARG B 30 15.11 -0.14 13.14
N GLY B 31 15.32 -1.01 12.17
CA GLY B 31 14.22 -1.79 11.62
C GLY B 31 14.67 -3.13 11.09
N GLU B 32 13.75 -4.08 11.09
CA GLU B 32 14.04 -5.46 10.72
C GLU B 32 12.89 -6.05 9.91
N GLY B 33 13.22 -6.97 9.02
CA GLY B 33 12.20 -7.61 8.20
C GLY B 33 12.79 -8.40 7.05
N GLU B 34 11.97 -8.63 6.03
CA GLU B 34 12.38 -9.46 4.91
C GLU B 34 11.89 -8.90 3.57
N GLY B 35 12.79 -8.79 2.61
CA GLY B 35 12.40 -8.46 1.25
C GLY B 35 12.26 -9.68 0.37
N ASP B 36 11.41 -9.59 -0.64
CA ASP B 36 11.34 -10.60 -1.69
C ASP B 36 11.42 -9.90 -3.04
N ALA B 37 12.53 -10.09 -3.74
CA ALA B 37 12.78 -9.33 -4.97
C ALA B 37 12.02 -9.93 -6.15
N THR B 38 11.60 -11.18 -6.02
CA THR B 38 10.87 -11.85 -7.08
C THR B 38 9.48 -11.25 -7.26
N ILE B 39 8.82 -10.94 -6.15
CA ILE B 39 7.54 -10.23 -6.19
C ILE B 39 7.67 -8.73 -5.89
N GLY B 40 8.89 -8.28 -5.62
CA GLY B 40 9.15 -6.88 -5.32
C GLY B 40 8.51 -6.37 -4.04
N LYS B 41 8.42 -7.24 -3.04
CA LYS B 41 7.71 -6.93 -1.80
C LYS B 41 8.66 -6.64 -0.63
N LEU B 42 8.27 -5.69 0.22
CA LEU B 42 9.03 -5.39 1.44
C LEU B 42 8.12 -5.46 2.66
N SER B 43 8.60 -6.15 3.69
CA SER B 43 7.91 -6.16 4.98
C SER B 43 8.88 -5.79 6.10
N LEU B 44 8.65 -4.65 6.73
CA LEU B 44 9.58 -4.12 7.73
C LEU B 44 8.88 -3.44 8.90
N LYS B 45 9.49 -3.56 10.08
CA LYS B 45 9.02 -2.86 11.27
C LYS B 45 10.14 -1.99 11.82
N PHE B 46 9.87 -0.70 11.98
CA PHE B 46 10.89 0.25 12.42
C PHE B 46 10.58 0.75 13.82
N ILE B 47 11.63 1.01 14.59
CA ILE B 47 11.49 1.49 15.96
C ILE B 47 12.45 2.64 16.22
N CYS B 48 11.94 3.75 16.76
CA CYS B 48 12.83 4.81 17.21
C CYS B 48 13.31 4.45 18.61
N THR B 49 14.63 4.31 18.76
CA THR B 49 15.20 3.84 20.01
C THR B 49 15.41 4.98 21.01
N THR B 50 15.29 6.21 20.54
CA THR B 50 15.53 7.39 21.36
C THR B 50 14.24 7.93 22.00
N GLY B 51 13.15 7.19 21.86
CA GLY B 51 11.85 7.70 22.27
C GLY B 51 11.17 8.44 21.13
N LYS B 52 10.47 9.52 21.47
CA LYS B 52 9.67 10.26 20.49
C LYS B 52 10.45 10.67 19.25
N LEU B 53 9.89 10.38 18.08
CA LEU B 53 10.46 10.78 16.80
C LEU B 53 10.14 12.24 16.53
N PRO B 54 11.18 13.09 16.42
CA PRO B 54 11.00 14.52 16.21
C PRO B 54 10.36 14.85 14.85
N VAL B 55 10.38 13.88 13.94
CA VAL B 55 9.79 14.07 12.61
C VAL B 55 8.72 13.01 12.35
N PRO B 56 7.77 13.30 11.46
CA PRO B 56 6.78 12.27 11.12
C PRO B 56 7.43 11.12 10.37
N TRP B 57 7.01 9.90 10.67
CA TRP B 57 7.55 8.72 10.01
C TRP B 57 7.54 8.76 8.47
N PRO B 58 6.44 9.23 7.84
CA PRO B 58 6.43 9.22 6.38
C PRO B 58 7.62 9.93 5.71
N THR B 59 8.18 10.93 6.38
CA THR B 59 9.29 11.67 5.80
C THR B 59 10.56 10.83 5.74
N LEU B 60 10.61 9.79 6.56
CA LEU B 60 11.78 8.92 6.62
C LEU B 60 11.65 7.68 5.73
N VAL B 61 10.47 7.50 5.14
CA VAL B 61 10.19 6.28 4.36
C VAL B 61 11.16 6.09 3.21
N THR B 62 11.24 7.07 2.32
CA THR B 62 12.13 6.98 1.15
C THR B 62 13.58 6.80 1.59
N THR B 63 13.92 7.42 2.72
CA THR B 63 15.26 7.29 3.26
C THR B 63 15.49 5.91 3.85
N LEU B 64 14.56 5.45 4.68
CA LEU B 64 14.66 4.12 5.27
C LEU B 64 14.60 3.02 4.21
N VAL B 66 16.09 0.48 0.26
CA VAL B 66 16.68 -0.77 -0.18
C VAL B 66 16.06 -1.24 -1.51
N GLN B 67 16.29 -0.45 -2.56
CA GLN B 67 15.65 -0.63 -3.85
C GLN B 67 16.12 -1.88 -4.59
N CYS B 68 17.12 -2.57 -4.02
CA CYS B 68 17.57 -3.84 -4.57
C CYS B 68 16.50 -4.92 -4.50
N PHE B 69 15.43 -4.64 -3.75
CA PHE B 69 14.30 -5.56 -3.65
C PHE B 69 13.19 -5.23 -4.63
N SER B 70 13.42 -4.23 -5.48
CA SER B 70 12.48 -3.91 -6.55
C SER B 70 12.43 -5.07 -7.54
N ARG B 71 11.23 -5.43 -7.99
CA ARG B 71 11.12 -6.48 -8.99
C ARG B 71 11.44 -5.94 -10.37
N TYR B 72 12.48 -6.49 -10.99
CA TYR B 72 12.80 -6.16 -12.36
C TYR B 72 12.35 -7.30 -13.26
N PRO B 73 11.38 -7.02 -14.13
CA PRO B 73 10.89 -8.02 -15.09
C PRO B 73 12.04 -8.61 -15.89
N ASP B 74 11.89 -9.85 -16.34
CA ASP B 74 12.97 -10.61 -16.96
C ASP B 74 13.72 -9.85 -18.05
N HIS B 75 12.99 -9.14 -18.90
CA HIS B 75 13.62 -8.43 -20.01
C HIS B 75 14.42 -7.22 -19.52
N MET B 76 14.07 -6.70 -18.35
CA MET B 76 14.77 -5.55 -17.77
C MET B 76 15.87 -5.96 -16.79
N LYS B 77 16.07 -7.26 -16.60
CA LYS B 77 17.00 -7.76 -15.59
C LYS B 77 18.43 -7.24 -15.74
N ARG B 78 18.87 -7.05 -16.97
CA ARG B 78 20.23 -6.58 -17.24
C ARG B 78 20.39 -5.10 -16.86
N HIS B 79 19.27 -4.43 -16.61
CA HIS B 79 19.26 -3.02 -16.24
C HIS B 79 19.22 -2.78 -14.74
N ASP B 80 19.33 -3.84 -13.94
CA ASP B 80 19.20 -3.70 -12.50
C ASP B 80 20.55 -3.37 -11.87
N PHE B 81 20.68 -2.14 -11.40
CA PHE B 81 21.94 -1.64 -10.86
C PHE B 81 22.16 -2.12 -9.43
N PHE B 82 21.08 -2.11 -8.66
CA PHE B 82 21.14 -2.40 -7.23
C PHE B 82 21.60 -3.82 -6.94
N LYS B 83 20.96 -4.81 -7.55
CA LYS B 83 21.33 -6.21 -7.35
C LYS B 83 22.73 -6.50 -7.87
N SER B 84 23.14 -5.77 -8.90
CA SER B 84 24.42 -5.99 -9.57
C SER B 84 25.62 -5.66 -8.69
N ALA B 85 25.47 -4.63 -7.86
CA ALA B 85 26.56 -4.18 -7.00
C ALA B 85 26.79 -5.14 -5.84
N MET B 86 25.79 -5.98 -5.57
CA MET B 86 25.87 -6.95 -4.48
C MET B 86 26.88 -8.05 -4.80
N PRO B 87 27.42 -8.71 -3.75
CA PRO B 87 27.25 -8.47 -2.31
C PRO B 87 27.95 -7.21 -1.82
N GLU B 88 28.90 -6.70 -2.60
CA GLU B 88 29.71 -5.55 -2.24
C GLU B 88 28.87 -4.35 -1.80
N GLY B 89 27.84 -4.05 -2.58
CA GLY B 89 26.90 -3.00 -2.21
C GLY B 89 27.13 -1.68 -2.90
N TYR B 90 26.26 -0.71 -2.61
CA TYR B 90 26.35 0.60 -3.23
C TYR B 90 26.16 1.73 -2.21
N VAL B 91 26.59 2.93 -2.58
CA VAL B 91 26.44 4.12 -1.74
C VAL B 91 25.28 4.97 -2.25
N GLN B 92 24.29 5.22 -1.40
CA GLN B 92 23.12 5.99 -1.82
C GLN B 92 23.07 7.34 -1.11
N GLU B 93 23.22 8.41 -1.89
CA GLU B 93 23.14 9.76 -1.37
C GLU B 93 21.89 10.48 -1.88
N ARG B 94 21.24 11.21 -0.99
CA ARG B 94 20.06 11.96 -1.37
C ARG B 94 20.03 13.36 -0.78
N THR B 95 19.34 14.27 -1.45
CA THR B 95 19.02 15.56 -0.87
C THR B 95 17.54 15.84 -1.09
N ILE B 96 16.79 15.92 -0.01
CA ILE B 96 15.34 16.05 -0.11
C ILE B 96 14.88 17.46 0.23
N TYR B 97 14.23 18.11 -0.73
CA TYR B 97 13.77 19.47 -0.55
C TYR B 97 12.28 19.53 -0.25
N PHE B 98 11.96 19.86 0.99
CA PHE B 98 10.57 20.00 1.40
C PHE B 98 10.05 21.37 1.03
N LYS B 99 8.95 21.40 0.27
CA LYS B 99 8.36 22.64 -0.21
C LYS B 99 8.05 23.59 0.95
N ASP B 100 8.59 24.81 0.87
CA ASP B 100 8.43 25.84 1.89
C ASP B 100 8.89 25.35 3.26
N ASP B 101 9.93 24.52 3.30
CA ASP B 101 10.43 23.99 4.55
C ASP B 101 11.89 23.56 4.44
N GLY B 102 12.37 22.86 5.45
CA GLY B 102 13.77 22.46 5.51
C GLY B 102 14.16 21.37 4.54
N THR B 103 15.39 20.86 4.71
CA THR B 103 15.93 19.87 3.79
C THR B 103 16.67 18.74 4.49
N TYR B 104 16.36 17.51 4.09
CA TYR B 104 17.13 16.33 4.53
C TYR B 104 18.36 16.13 3.66
N LYS B 105 19.42 15.59 4.25
CA LYS B 105 20.59 15.15 3.48
C LYS B 105 21.07 13.80 4.01
N THR B 106 21.15 12.81 3.11
CA THR B 106 21.42 11.44 3.54
C THR B 106 22.61 10.80 2.83
N ARG B 107 23.32 9.95 3.55
CA ARG B 107 24.36 9.11 2.98
C ARG B 107 24.19 7.70 3.53
N ALA B 108 24.02 6.73 2.64
CA ALA B 108 23.75 5.36 3.06
C ALA B 108 24.63 4.35 2.34
N GLU B 109 25.00 3.30 3.07
CA GLU B 109 25.69 2.17 2.47
C GLU B 109 24.81 0.93 2.55
N VAL B 110 24.40 0.42 1.40
CA VAL B 110 23.55 -0.76 1.33
C VAL B 110 24.33 -1.96 0.83
N LYS B 111 24.58 -2.92 1.71
CA LYS B 111 25.36 -4.09 1.34
C LYS B 111 24.95 -5.32 2.13
N PHE B 112 25.67 -6.42 1.90
CA PHE B 112 25.38 -7.66 2.59
C PHE B 112 26.34 -7.90 3.75
N GLU B 113 25.80 -7.95 4.96
CA GLU B 113 26.56 -8.40 6.12
C GLU B 113 26.05 -9.77 6.53
N GLY B 114 26.87 -10.79 6.28
CA GLY B 114 26.43 -12.16 6.46
C GLY B 114 25.35 -12.50 5.45
N ASP B 115 24.27 -13.11 5.94
CA ASP B 115 23.18 -13.52 5.07
C ASP B 115 22.07 -12.48 4.98
N THR B 116 22.25 -11.37 5.69
CA THR B 116 21.23 -10.32 5.72
C THR B 116 21.66 -9.07 4.97
N LEU B 117 20.71 -8.40 4.32
CA LEU B 117 20.99 -7.14 3.65
C LEU B 117 20.91 -5.98 4.64
N VAL B 118 21.96 -5.16 4.66
CA VAL B 118 22.08 -4.10 5.65
C VAL B 118 22.07 -2.71 5.02
N ASN B 119 21.24 -1.82 5.57
CA ASN B 119 21.19 -0.43 5.13
C ASN B 119 21.46 0.53 6.29
N ARG B 120 22.59 1.21 6.24
CA ARG B 120 22.98 2.12 7.32
C ARG B 120 22.99 3.57 6.85
N ILE B 121 22.12 4.37 7.45
CA ILE B 121 21.89 5.72 6.97
C ILE B 121 22.35 6.80 7.94
N GLU B 122 22.83 7.91 7.39
CA GLU B 122 23.17 9.09 8.19
C GLU B 122 22.42 10.29 7.61
N LEU B 123 21.48 10.84 8.39
CA LEU B 123 20.61 11.90 7.90
C LEU B 123 20.79 13.20 8.69
N LYS B 124 20.90 14.31 7.98
CA LYS B 124 20.96 15.62 8.62
C LYS B 124 19.96 16.60 8.03
N GLY B 125 18.95 16.96 8.81
CA GLY B 125 18.02 18.01 8.42
C GLY B 125 18.41 19.36 8.98
N ILE B 126 18.05 20.42 8.25
CA ILE B 126 18.32 21.80 8.66
C ILE B 126 17.26 22.74 8.11
N ASP B 127 17.20 23.95 8.67
CA ASP B 127 16.35 25.02 8.16
C ASP B 127 14.86 24.69 8.16
N PHE B 128 14.44 23.82 9.07
CA PHE B 128 13.02 23.46 9.18
C PHE B 128 12.24 24.45 10.03
N LYS B 129 11.05 24.83 9.56
CA LYS B 129 10.17 25.70 10.31
C LYS B 129 9.66 25.00 11.55
N GLU B 130 9.73 25.68 12.68
CA GLU B 130 9.32 25.10 13.96
C GLU B 130 7.84 24.74 13.99
N ASP B 131 7.02 25.56 13.36
CA ASP B 131 5.60 25.30 13.27
C ASP B 131 5.22 24.62 11.95
N GLY B 132 6.22 24.28 11.15
CA GLY B 132 5.98 23.66 9.86
C GLY B 132 5.37 22.27 9.94
N ASN B 133 5.07 21.69 8.79
CA ASN B 133 4.40 20.40 8.72
C ASN B 133 5.25 19.24 9.27
N ILE B 134 6.57 19.37 9.14
CA ILE B 134 7.48 18.33 9.60
C ILE B 134 7.65 18.39 11.13
N LEU B 135 8.26 19.47 11.63
CA LEU B 135 8.47 19.59 13.07
C LEU B 135 7.16 19.74 13.84
N GLY B 136 6.11 20.17 13.16
CA GLY B 136 4.82 20.37 13.79
C GLY B 136 3.96 19.12 13.76
N HIS B 137 4.45 18.08 13.12
CA HIS B 137 3.74 16.80 13.02
C HIS B 137 2.33 16.95 12.47
N LYS B 138 2.22 17.66 11.34
CA LYS B 138 0.92 17.87 10.70
C LYS B 138 0.65 16.89 9.58
N LEU B 139 1.58 15.96 9.34
CA LEU B 139 1.44 15.00 8.24
C LEU B 139 0.64 13.77 8.63
N GLU B 140 -0.21 13.32 7.71
CA GLU B 140 -1.05 12.14 7.93
C GLU B 140 -0.23 10.86 7.92
N TYR B 141 -0.75 9.83 8.57
CA TYR B 141 -0.03 8.57 8.59
C TYR B 141 -0.54 7.72 7.43
N ASN B 142 0.26 7.69 6.36
CA ASN B 142 -0.04 6.96 5.11
C ASN B 142 1.00 7.33 4.06
N PHE B 143 0.93 6.67 2.92
CA PHE B 143 1.84 6.97 1.82
C PHE B 143 1.12 6.83 0.49
N ASN B 144 1.65 7.48 -0.55
CA ASN B 144 1.02 7.43 -1.86
C ASN B 144 1.90 6.74 -2.88
N SER B 145 1.39 6.59 -4.10
CA SER B 145 2.13 5.91 -5.16
C SER B 145 3.03 6.89 -5.88
N HIS B 146 4.24 6.44 -6.24
CA HIS B 146 5.19 7.33 -6.89
C HIS B 146 5.95 6.64 -8.01
N LYS B 147 6.66 7.44 -8.80
CA LYS B 147 7.50 6.93 -9.87
C LYS B 147 8.91 7.46 -9.68
N VAL B 148 9.87 6.55 -9.53
CA VAL B 148 11.27 6.93 -9.38
C VAL B 148 11.99 6.83 -10.71
N TYR B 149 12.35 7.98 -11.28
CA TYR B 149 12.99 7.99 -12.60
C TYR B 149 14.49 7.79 -12.49
N ILE B 150 14.97 6.71 -13.07
CA ILE B 150 16.38 6.33 -12.98
C ILE B 150 17.13 6.58 -14.27
N THR B 151 18.23 7.34 -14.18
CA THR B 151 19.13 7.53 -15.30
C THR B 151 20.54 7.15 -14.89
N ALA B 152 21.28 6.50 -15.79
CA ALA B 152 22.65 6.11 -15.48
C ALA B 152 23.61 7.26 -15.76
N ASP B 153 24.45 7.60 -14.79
CA ASP B 153 25.36 8.72 -14.96
C ASP B 153 26.84 8.35 -14.98
N LYS B 154 27.40 8.35 -16.19
CA LYS B 154 28.78 8.72 -16.48
C LYS B 154 29.88 8.25 -15.52
N GLN B 155 30.70 9.21 -15.11
CA GLN B 155 31.97 8.95 -14.43
C GLN B 155 31.85 8.31 -13.05
N ASN B 156 30.64 8.33 -12.49
CA ASN B 156 30.43 7.73 -11.17
C ASN B 156 30.26 6.22 -11.26
N ASN B 157 30.26 5.71 -12.49
CA ASN B 157 30.05 4.28 -12.75
C ASN B 157 28.79 3.78 -12.09
N GLY B 158 27.75 4.61 -12.12
CA GLY B 158 26.54 4.35 -11.37
C GLY B 158 25.39 5.19 -11.87
N ILE B 159 24.33 5.26 -11.08
CA ILE B 159 23.07 5.85 -11.52
C ILE B 159 22.68 7.10 -10.74
N LYS B 160 21.85 7.92 -11.37
CA LYS B 160 21.27 9.09 -10.73
C LYS B 160 19.75 8.92 -10.75
N ALA B 161 19.07 9.57 -9.82
CA ALA B 161 17.61 9.48 -9.77
C ALA B 161 17.00 10.73 -9.17
N ASN B 162 15.79 11.06 -9.63
CA ASN B 162 15.02 12.12 -9.00
C ASN B 162 13.52 11.90 -9.13
N PHE B 163 12.79 12.49 -8.19
CA PHE B 163 11.34 12.32 -8.09
C PHE B 163 10.81 13.17 -6.95
N THR B 164 9.51 13.42 -6.94
CA THR B 164 8.91 14.26 -5.90
C THR B 164 7.86 13.47 -5.12
N ILE B 165 8.06 13.38 -3.81
CA ILE B 165 7.15 12.66 -2.92
C ILE B 165 6.02 13.56 -2.44
N ARG B 166 4.79 13.05 -2.50
CA ARG B 166 3.63 13.80 -2.04
C ARG B 166 3.16 13.32 -0.67
N HIS B 167 3.36 14.15 0.34
CA HIS B 167 2.92 13.85 1.70
C HIS B 167 1.58 14.53 2.00
N ASN B 168 0.57 13.73 2.30
CA ASN B 168 -0.75 14.26 2.65
C ASN B 168 -0.73 14.97 4.00
N VAL B 169 -1.23 16.20 4.04
CA VAL B 169 -1.32 16.95 5.27
C VAL B 169 -2.74 16.82 5.83
N GLU B 170 -2.85 16.75 7.16
CA GLU B 170 -4.14 16.45 7.81
C GLU B 170 -5.18 17.54 7.63
N ASP B 171 -4.76 18.73 7.18
CA ASP B 171 -5.70 19.81 6.92
C ASP B 171 -6.21 19.74 5.49
N GLY B 172 -5.75 18.75 4.75
CA GLY B 172 -6.20 18.53 3.38
C GLY B 172 -5.20 18.90 2.31
N SER B 173 -4.17 19.65 2.69
CA SER B 173 -3.16 20.09 1.74
C SER B 173 -2.10 19.02 1.49
N VAL B 174 -1.09 19.35 0.69
CA VAL B 174 -0.04 18.41 0.34
C VAL B 174 1.34 19.02 0.52
N GLN B 175 2.22 18.30 1.22
CA GLN B 175 3.59 18.73 1.40
C GLN B 175 4.51 17.98 0.45
N LEU B 176 5.06 18.70 -0.51
CA LEU B 176 5.90 18.09 -1.55
C LEU B 176 7.36 18.00 -1.12
N ALA B 177 8.01 16.91 -1.49
CA ALA B 177 9.43 16.74 -1.24
C ALA B 177 10.18 16.32 -2.50
N ASP B 178 11.04 17.20 -3.00
CA ASP B 178 11.83 16.90 -4.18
C ASP B 178 13.05 16.06 -3.81
N HIS B 179 13.15 14.87 -4.38
CA HIS B 179 14.28 14.00 -4.10
C HIS B 179 15.31 14.05 -5.23
N TYR B 180 16.56 14.30 -4.86
CA TYR B 180 17.66 14.23 -5.82
C TYR B 180 18.63 13.16 -5.34
N GLN B 181 18.68 12.05 -6.07
CA GLN B 181 19.41 10.88 -5.61
C GLN B 181 20.55 10.52 -6.55
N GLN B 182 21.64 10.04 -5.97
CA GLN B 182 22.74 9.50 -6.75
C GLN B 182 23.32 8.27 -6.06
N ASN B 183 23.65 7.25 -6.84
CA ASN B 183 24.28 6.05 -6.30
C ASN B 183 25.67 5.84 -6.88
N THR B 184 26.34 4.79 -6.40
CA THR B 184 27.75 4.53 -6.70
C THR B 184 28.14 3.20 -6.06
N PRO B 185 28.88 2.36 -6.80
CA PRO B 185 29.30 1.07 -6.25
C PRO B 185 30.26 1.20 -5.06
N ILE B 186 30.65 0.07 -4.50
CA ILE B 186 31.64 0.05 -3.43
C ILE B 186 32.92 -0.57 -3.95
N GLY B 187 32.83 -1.85 -4.33
CA GLY B 187 33.95 -2.51 -4.97
C GLY B 187 34.29 -1.82 -6.28
N ASP B 188 35.57 -1.86 -6.64
CA ASP B 188 36.04 -1.15 -7.84
C ASP B 188 36.19 -2.11 -9.01
N GLY B 189 35.31 -1.97 -10.00
CA GLY B 189 35.33 -2.83 -11.17
C GLY B 189 34.04 -2.78 -11.94
N PRO B 190 33.84 -3.74 -12.87
CA PRO B 190 32.66 -3.79 -13.73
C PRO B 190 31.37 -4.05 -12.97
N VAL B 191 30.30 -3.38 -13.39
CA VAL B 191 28.99 -3.53 -12.76
C VAL B 191 27.99 -4.12 -13.75
N LEU B 192 27.76 -3.39 -14.85
CA LEU B 192 26.87 -3.80 -15.94
C LEU B 192 25.42 -3.79 -15.48
N ASN C 1 -32.25 -8.65 66.10
CA ASN C 1 -33.50 -9.22 66.57
C ASN C 1 -34.55 -9.21 65.47
N MET C 2 -34.42 -8.24 64.55
CA MET C 2 -35.32 -8.09 63.41
C MET C 2 -36.78 -7.95 63.81
N ALA C 3 -37.03 -7.43 65.00
CA ALA C 3 -38.38 -7.24 65.50
C ALA C 3 -39.02 -6.00 64.89
N ILE C 4 -38.20 -5.03 64.52
CA ILE C 4 -38.69 -3.77 63.99
C ILE C 4 -38.78 -3.82 62.46
N ILE C 5 -37.65 -4.01 61.77
CA ILE C 5 -37.67 -4.19 60.32
C ILE C 5 -37.83 -5.68 60.03
N LYS C 6 -38.93 -6.05 59.39
CA LYS C 6 -39.17 -7.45 59.07
C LYS C 6 -38.39 -7.84 57.82
N GLU C 7 -38.49 -9.10 57.43
CA GLU C 7 -37.80 -9.59 56.23
C GLU C 7 -38.49 -9.05 54.99
N PHE C 8 -39.77 -8.73 55.12
CA PHE C 8 -40.54 -8.11 54.04
C PHE C 8 -41.24 -6.85 54.55
N MET C 9 -41.03 -5.73 53.86
CA MET C 9 -41.61 -4.46 54.28
C MET C 9 -42.26 -3.69 53.12
N ARG C 10 -43.38 -3.05 53.40
CA ARG C 10 -44.05 -2.19 52.42
C ARG C 10 -43.83 -0.73 52.79
N PHE C 11 -43.76 0.14 51.79
CA PHE C 11 -43.68 1.57 52.06
C PHE C 11 -44.66 2.39 51.21
N LYS C 12 -44.98 3.58 51.71
CA LYS C 12 -45.82 4.54 51.00
C LYS C 12 -45.03 5.83 50.81
N VAL C 13 -45.09 6.38 49.59
CA VAL C 13 -44.29 7.54 49.25
C VAL C 13 -45.12 8.67 48.64
N HIS C 14 -44.84 9.90 49.09
CA HIS C 14 -45.45 11.09 48.50
C HIS C 14 -44.37 12.08 48.08
N MET C 15 -44.44 12.53 46.84
CA MET C 15 -43.50 13.54 46.37
C MET C 15 -44.23 14.76 45.84
N GLU C 16 -43.87 15.93 46.34
CA GLU C 16 -44.30 17.18 45.73
C GLU C 16 -43.06 17.89 45.22
N GLY C 17 -43.11 18.36 43.98
CA GLY C 17 -41.94 18.95 43.36
C GLY C 17 -42.25 19.95 42.28
N SER C 18 -41.25 20.74 41.93
CA SER C 18 -41.36 21.69 40.83
C SER C 18 -40.11 21.64 39.98
N VAL C 19 -40.28 21.39 38.69
CA VAL C 19 -39.16 21.33 37.76
C VAL C 19 -39.39 22.26 36.57
N ASN C 20 -38.46 23.20 36.38
CA ASN C 20 -38.59 24.24 35.36
C ASN C 20 -39.93 24.96 35.41
N GLY C 21 -40.39 25.24 36.63
CA GLY C 21 -41.63 25.97 36.83
C GLY C 21 -42.87 25.12 36.73
N HIS C 22 -42.69 23.82 36.55
CA HIS C 22 -43.83 22.91 36.44
C HIS C 22 -44.06 22.16 37.75
N GLU C 23 -45.15 22.51 38.43
CA GLU C 23 -45.50 21.83 39.68
C GLU C 23 -46.11 20.47 39.39
N PHE C 24 -46.08 19.60 40.41
CA PHE C 24 -46.61 18.25 40.29
C PHE C 24 -46.56 17.52 41.62
N GLU C 25 -47.34 16.45 41.73
CA GLU C 25 -47.33 15.60 42.90
C GLU C 25 -47.36 14.13 42.48
N ILE C 26 -46.65 13.30 43.23
CA ILE C 26 -46.61 11.87 42.96
C ILE C 26 -46.84 11.07 44.23
N GLU C 27 -47.77 10.11 44.16
CA GLU C 27 -48.00 9.18 45.25
C GLU C 27 -47.72 7.76 44.76
N GLY C 28 -47.11 6.94 45.60
CA GLY C 28 -46.74 5.59 45.19
C GLY C 28 -46.67 4.57 46.31
N GLU C 29 -46.70 3.31 45.91
CA GLU C 29 -46.58 2.19 46.86
C GLU C 29 -45.40 1.32 46.49
N GLY C 30 -44.76 0.73 47.50
CA GLY C 30 -43.59 -0.10 47.27
C GLY C 30 -43.46 -1.23 48.27
N GLU C 31 -42.62 -2.20 47.95
CA GLU C 31 -42.40 -3.34 48.82
C GLU C 31 -41.05 -3.99 48.54
N GLY C 32 -40.55 -4.76 49.49
CA GLY C 32 -39.28 -5.45 49.29
C GLY C 32 -38.72 -6.20 50.47
N HIS C 33 -37.45 -6.59 50.34
CA HIS C 33 -36.77 -7.37 51.36
C HIS C 33 -35.54 -6.61 51.83
N PRO C 34 -35.70 -5.81 52.89
CA PRO C 34 -34.68 -4.88 53.40
C PRO C 34 -33.32 -5.53 53.61
N TYR C 35 -33.31 -6.79 54.04
CA TYR C 35 -32.05 -7.48 54.29
C TYR C 35 -31.48 -8.17 53.05
N GLU C 36 -32.28 -8.31 52.01
CA GLU C 36 -31.78 -8.88 50.76
C GLU C 36 -31.31 -7.84 49.74
N GLY C 37 -31.61 -6.57 50.02
CA GLY C 37 -31.18 -5.51 49.12
C GLY C 37 -32.08 -5.24 47.93
N THR C 38 -33.30 -5.78 47.95
CA THR C 38 -34.18 -5.72 46.79
C THR C 38 -35.52 -5.05 47.09
N GLN C 39 -35.99 -4.22 46.16
CA GLN C 39 -37.29 -3.55 46.32
C GLN C 39 -37.92 -3.17 44.98
N THR C 40 -39.25 -3.03 44.98
CA THR C 40 -39.98 -2.55 43.82
C THR C 40 -40.96 -1.46 44.22
N ALA C 41 -41.39 -0.66 43.25
CA ALA C 41 -42.40 0.36 43.53
C ALA C 41 -43.23 0.70 42.29
N LYS C 42 -44.47 1.11 42.53
CA LYS C 42 -45.34 1.59 41.47
C LYS C 42 -45.77 3.02 41.76
N LEU C 43 -45.31 3.96 40.93
CA LEU C 43 -45.58 5.38 41.14
C LEU C 43 -46.71 5.90 40.23
N LYS C 44 -47.51 6.80 40.77
CA LYS C 44 -48.57 7.45 39.99
C LYS C 44 -48.46 8.96 40.08
N VAL C 45 -48.70 9.64 38.97
CA VAL C 45 -48.66 11.10 38.96
C VAL C 45 -50.05 11.63 39.28
N THR C 46 -50.19 12.20 40.48
CA THR C 46 -51.51 12.64 40.95
C THR C 46 -51.81 14.09 40.59
N LYS C 47 -50.79 14.84 40.19
CA LYS C 47 -50.99 16.24 39.83
C LYS C 47 -49.94 16.71 38.83
N GLY C 48 -50.36 17.61 37.94
CA GLY C 48 -49.45 18.20 36.96
C GLY C 48 -49.03 17.22 35.88
N GLY C 49 -49.82 16.18 35.70
CA GLY C 49 -49.55 15.21 34.65
C GLY C 49 -50.17 15.62 33.33
N PRO C 50 -49.53 15.24 32.21
CA PRO C 50 -48.25 14.54 32.17
C PRO C 50 -47.07 15.47 32.44
N LEU C 51 -45.91 14.91 32.78
CA LEU C 51 -44.72 15.69 33.07
C LEU C 51 -43.98 16.03 31.78
N PRO C 52 -43.63 17.32 31.62
CA PRO C 52 -42.88 17.85 30.47
C PRO C 52 -41.41 17.40 30.42
N PHE C 53 -40.90 16.83 31.50
CA PHE C 53 -39.49 16.45 31.56
C PHE C 53 -39.29 14.95 31.72
N ALA C 54 -38.03 14.53 31.72
CA ALA C 54 -37.69 13.11 31.81
C ALA C 54 -37.95 12.55 33.22
N TRP C 55 -38.51 11.35 33.27
CA TRP C 55 -38.84 10.70 34.53
C TRP C 55 -37.59 10.31 35.30
N ASP C 56 -36.49 10.08 34.58
CA ASP C 56 -35.29 9.51 35.15
C ASP C 56 -34.63 10.35 36.25
N ILE C 57 -34.90 11.66 36.27
CA ILE C 57 -34.32 12.47 37.32
C ILE C 57 -35.09 12.30 38.63
N LEU C 58 -36.36 11.90 38.52
CA LEU C 58 -37.19 11.64 39.69
C LEU C 58 -36.99 10.24 40.28
N SER C 59 -36.66 9.27 39.43
CA SER C 59 -36.57 7.86 39.87
C SER C 59 -35.61 7.58 41.03
N PRO C 60 -34.43 8.22 41.07
CA PRO C 60 -33.57 7.95 42.23
C PRO C 60 -34.12 8.48 43.55
N GLN C 61 -35.12 9.34 43.52
CA GLN C 61 -35.63 9.95 44.75
C GLN C 61 -36.70 9.11 45.43
N PHE C 62 -37.13 8.04 44.78
CA PHE C 62 -38.10 7.14 45.38
C PHE C 62 -37.39 5.96 46.05
N SER C 64 -34.61 5.14 49.06
CA SER C 64 -35.20 4.12 49.93
C SER C 64 -34.08 3.23 50.45
N LYS C 65 -33.21 3.81 51.27
CA LYS C 65 -31.95 3.18 51.64
C LYS C 65 -32.04 2.23 52.84
N ALA C 66 -33.24 2.06 53.38
CA ALA C 66 -33.44 1.04 54.40
C ALA C 66 -33.40 -0.35 53.78
N TYR C 67 -33.48 -0.37 52.45
CA TYR C 67 -33.51 -1.63 51.70
C TYR C 67 -32.14 -2.11 51.22
N VAL C 68 -31.08 -1.44 51.63
CA VAL C 68 -29.72 -1.85 51.24
C VAL C 68 -29.24 -3.06 52.05
N LYS C 69 -28.60 -4.03 51.38
CA LYS C 69 -28.09 -5.21 52.07
C LYS C 69 -26.70 -4.97 52.65
N HIS C 70 -26.61 -5.07 53.97
CA HIS C 70 -25.37 -4.81 54.68
C HIS C 70 -24.73 -6.05 55.30
N PRO C 71 -23.43 -6.25 55.03
CA PRO C 71 -22.64 -7.26 55.73
C PRO C 71 -22.70 -7.05 57.25
N ALA C 72 -22.50 -8.11 58.01
CA ALA C 72 -22.63 -8.05 59.46
C ALA C 72 -21.62 -7.11 60.10
N ASP C 73 -20.41 -7.08 59.55
CA ASP C 73 -19.34 -6.26 60.11
C ASP C 73 -19.49 -4.79 59.75
N ILE C 74 -20.46 -4.49 58.89
CA ILE C 74 -20.78 -3.12 58.54
C ILE C 74 -22.09 -2.68 59.19
N PRO C 75 -22.00 -1.70 60.13
CA PRO C 75 -23.19 -1.22 60.83
C PRO C 75 -24.21 -0.63 59.87
N ASP C 76 -25.47 -1.03 60.00
CA ASP C 76 -26.48 -0.48 59.11
C ASP C 76 -27.09 0.72 59.79
N TYR C 77 -26.71 1.90 59.32
CA TYR C 77 -26.99 3.13 60.06
C TYR C 77 -28.46 3.51 59.94
N LEU C 78 -29.00 3.33 58.73
CA LEU C 78 -30.37 3.73 58.45
C LEU C 78 -31.40 2.73 58.97
N LYS C 79 -31.02 1.45 59.04
CA LYS C 79 -31.89 0.45 59.64
C LYS C 79 -32.00 0.66 61.14
N LEU C 80 -30.88 1.00 61.77
CA LEU C 80 -30.83 1.22 63.21
C LEU C 80 -31.55 2.50 63.62
N SER C 81 -31.86 3.35 62.64
CA SER C 81 -32.49 4.63 62.94
C SER C 81 -33.95 4.46 63.32
N PHE C 82 -34.50 3.28 63.03
CA PHE C 82 -35.91 3.02 63.30
C PHE C 82 -36.12 2.47 64.72
N PRO C 83 -37.35 2.60 65.27
CA PRO C 83 -38.61 3.09 64.69
C PRO C 83 -38.68 4.58 64.40
N GLU C 84 -37.81 5.38 65.01
CA GLU C 84 -37.84 6.84 64.84
C GLU C 84 -37.67 7.25 63.38
N GLY C 85 -36.70 6.65 62.70
CA GLY C 85 -36.49 6.94 61.29
C GLY C 85 -35.37 7.93 61.03
N PHE C 86 -35.35 8.46 59.81
CA PHE C 86 -34.28 9.34 59.36
C PHE C 86 -34.73 10.27 58.24
N THR C 87 -33.92 11.29 57.98
CA THR C 87 -34.14 12.17 56.84
C THR C 87 -32.91 12.14 55.93
N TRP C 88 -33.10 12.46 54.66
CA TRP C 88 -31.95 12.68 53.78
C TRP C 88 -32.16 13.89 52.88
N GLU C 89 -31.05 14.54 52.53
CA GLU C 89 -31.06 15.67 51.61
C GLU C 89 -29.99 15.48 50.54
N ARG C 90 -30.32 15.87 49.31
CA ARG C 90 -29.49 15.50 48.17
C ARG C 90 -29.32 16.63 47.17
N VAL C 91 -28.10 16.78 46.66
CA VAL C 91 -27.84 17.71 45.58
C VAL C 91 -27.32 16.98 44.33
N MET C 92 -28.06 17.08 43.24
CA MET C 92 -27.64 16.52 41.96
C MET C 92 -27.17 17.61 41.02
N ASN C 93 -25.89 17.61 40.66
CA ASN C 93 -25.40 18.57 39.68
C ASN C 93 -25.14 17.92 38.31
N PHE C 94 -26.00 18.22 37.35
CA PHE C 94 -25.86 17.68 35.99
C PHE C 94 -24.86 18.49 35.18
N GLU C 95 -24.21 17.83 34.22
CA GLU C 95 -23.12 18.43 33.45
C GLU C 95 -23.51 19.68 32.65
N ASP C 96 -24.78 19.81 32.27
CA ASP C 96 -25.21 20.95 31.47
C ASP C 96 -25.70 22.12 32.32
N GLY C 97 -25.58 21.98 33.64
CA GLY C 97 -25.94 23.08 34.54
C GLY C 97 -27.23 22.87 35.29
N GLY C 98 -28.03 21.90 34.85
CA GLY C 98 -29.27 21.57 35.54
C GLY C 98 -28.99 21.04 36.92
N VAL C 99 -29.84 21.38 37.88
CA VAL C 99 -29.65 20.97 39.27
C VAL C 99 -30.92 20.39 39.85
N VAL C 100 -30.80 19.26 40.53
CA VAL C 100 -31.91 18.69 41.28
C VAL C 100 -31.57 18.65 42.77
N THR C 101 -32.48 19.18 43.59
CA THR C 101 -32.31 19.16 45.04
C THR C 101 -33.50 18.47 45.68
N VAL C 102 -33.23 17.66 46.71
CA VAL C 102 -34.26 16.88 47.37
C VAL C 102 -34.11 16.92 48.89
N THR C 103 -35.25 16.97 49.59
CA THR C 103 -35.29 16.71 51.02
C THR C 103 -36.32 15.62 51.26
N GLN C 104 -36.01 14.66 52.11
CA GLN C 104 -36.91 13.54 52.30
C GLN C 104 -37.00 13.13 53.76
N ASP C 105 -38.14 12.59 54.15
CA ASP C 105 -38.33 12.10 55.51
C ASP C 105 -38.81 10.67 55.50
N SER C 106 -38.07 9.79 56.18
CA SER C 106 -38.44 8.39 56.25
C SER C 106 -38.82 8.01 57.68
N SER C 107 -40.10 7.68 57.88
CA SER C 107 -40.58 7.24 59.18
C SER C 107 -41.22 5.86 59.06
N LEU C 108 -41.67 5.32 60.20
CA LEU C 108 -42.28 3.99 60.23
C LEU C 108 -43.58 4.02 61.04
N GLN C 109 -44.68 3.65 60.40
CA GLN C 109 -45.98 3.65 61.06
C GLN C 109 -46.80 2.41 60.69
N ASP C 110 -47.32 1.73 61.71
CA ASP C 110 -48.14 0.54 61.53
C ASP C 110 -47.49 -0.53 60.66
N GLY C 111 -46.17 -0.71 60.84
CA GLY C 111 -45.44 -1.72 60.11
C GLY C 111 -45.17 -1.37 58.67
N GLU C 112 -45.31 -0.08 58.34
CA GLU C 112 -45.03 0.39 56.98
C GLU C 112 -44.17 1.64 57.00
N PHE C 113 -43.21 1.71 56.08
CA PHE C 113 -42.38 2.90 55.93
C PHE C 113 -43.18 4.05 55.30
N ILE C 114 -42.92 5.27 55.76
CA ILE C 114 -43.54 6.45 55.21
C ILE C 114 -42.49 7.40 54.64
N TYR C 115 -42.58 7.67 53.34
CA TYR C 115 -41.64 8.55 52.66
C TYR C 115 -42.31 9.87 52.28
N LYS C 116 -41.70 10.98 52.64
CA LYS C 116 -42.20 12.29 52.26
C LYS C 116 -41.11 13.06 51.52
N VAL C 117 -41.37 13.41 50.27
CA VAL C 117 -40.34 13.97 49.40
C VAL C 117 -40.69 15.37 48.88
N LYS C 118 -39.73 16.28 48.96
CA LYS C 118 -39.84 17.59 48.33
C LYS C 118 -38.69 17.78 47.35
N LEU C 119 -39.00 18.18 46.13
CA LEU C 119 -37.98 18.26 45.08
C LEU C 119 -38.03 19.56 44.28
N LEU C 120 -36.86 20.03 43.85
CA LEU C 120 -36.81 21.10 42.86
C LEU C 120 -35.80 20.78 41.76
N GLY C 121 -36.20 20.91 40.51
CA GLY C 121 -35.22 21.00 39.43
C GLY C 121 -35.10 22.44 38.96
N THR C 122 -33.91 22.85 38.55
CA THR C 122 -33.66 24.25 38.24
C THR C 122 -32.58 24.37 37.19
N ASN C 123 -32.66 25.42 36.37
CA ASN C 123 -31.68 25.70 35.34
C ASN C 123 -31.47 24.57 34.32
N PHE C 124 -32.53 23.83 34.00
CA PHE C 124 -32.45 22.86 32.92
C PHE C 124 -32.63 23.52 31.56
N PRO C 125 -31.60 23.44 30.71
CA PRO C 125 -31.66 24.01 29.36
C PRO C 125 -32.81 23.42 28.56
N SER C 126 -33.53 24.26 27.81
CA SER C 126 -34.73 23.85 27.11
C SER C 126 -34.46 22.82 26.02
N ASP C 127 -33.25 22.83 25.46
CA ASP C 127 -32.88 21.84 24.46
C ASP C 127 -32.12 20.67 25.07
N GLY C 128 -31.97 20.69 26.39
CA GLY C 128 -31.27 19.63 27.09
C GLY C 128 -32.07 18.33 27.07
N PRO C 129 -31.38 17.20 27.29
CA PRO C 129 -32.00 15.87 27.25
C PRO C 129 -33.10 15.66 28.30
N VAL C 130 -33.07 16.41 29.39
CA VAL C 130 -34.09 16.26 30.43
C VAL C 130 -35.43 16.83 29.97
N MET C 131 -35.42 18.04 29.43
CA MET C 131 -36.63 18.67 28.92
C MET C 131 -37.04 18.09 27.56
N GLN C 132 -36.11 17.44 26.89
CA GLN C 132 -36.39 16.81 25.61
C GLN C 132 -36.73 15.32 25.72
N LYS C 133 -36.72 14.81 26.95
CA LYS C 133 -36.99 13.39 27.22
C LYS C 133 -36.13 12.44 26.40
N LYS C 134 -34.83 12.72 26.36
CA LYS C 134 -33.89 11.90 25.61
C LYS C 134 -33.13 10.89 26.48
N THR C 135 -33.50 10.75 27.74
CA THR C 135 -32.79 9.83 28.64
C THR C 135 -33.31 8.38 28.57
N MET C 136 -32.37 7.43 28.57
CA MET C 136 -32.70 6.01 28.51
C MET C 136 -32.69 5.28 29.86
N GLY C 137 -32.41 5.99 30.94
CA GLY C 137 -32.32 5.35 32.25
C GLY C 137 -30.91 5.27 32.81
N TRP C 138 -30.80 4.89 34.08
CA TRP C 138 -29.54 4.96 34.80
C TRP C 138 -28.63 3.75 34.60
N GLU C 139 -27.35 4.02 34.45
CA GLU C 139 -26.33 2.97 34.52
C GLU C 139 -26.19 2.53 35.97
N ALA C 140 -25.64 1.34 36.19
CA ALA C 140 -25.38 0.86 37.54
C ALA C 140 -24.47 1.84 38.26
N SER C 141 -24.75 2.09 39.54
CA SER C 141 -24.02 3.11 40.31
C SER C 141 -23.26 2.53 41.50
N THR C 142 -22.23 3.24 41.92
CA THR C 142 -21.54 2.95 43.18
C THR C 142 -21.50 4.21 44.04
N GLU C 143 -22.18 4.17 45.18
CA GLU C 143 -22.20 5.31 46.09
C GLU C 143 -21.14 5.17 47.17
N ARG C 144 -20.21 6.12 47.19
CA ARG C 144 -19.17 6.11 48.21
C ARG C 144 -19.72 6.71 49.50
N MET C 145 -19.70 5.91 50.57
CA MET C 145 -20.27 6.31 51.84
C MET C 145 -19.15 6.60 52.83
N TYR C 146 -19.41 7.50 53.77
CA TYR C 146 -18.42 7.92 54.75
C TYR C 146 -19.05 8.85 55.79
N PRO C 147 -18.67 8.66 57.07
CA PRO C 147 -19.18 9.51 58.16
C PRO C 147 -18.59 10.91 58.13
N GLU C 148 -19.45 11.92 58.27
CA GLU C 148 -19.02 13.30 58.36
C GLU C 148 -20.06 14.13 59.11
N ASP C 149 -19.59 15.12 59.87
CA ASP C 149 -20.46 16.09 60.54
C ASP C 149 -21.54 15.41 61.39
N GLY C 150 -21.18 14.30 62.03
CA GLY C 150 -22.12 13.54 62.85
C GLY C 150 -23.22 12.84 62.07
N ALA C 151 -23.04 12.72 60.75
CA ALA C 151 -24.03 12.06 59.92
C ALA C 151 -23.39 11.10 58.92
N LEU C 152 -24.22 10.43 58.15
CA LEU C 152 -23.75 9.56 57.08
C LEU C 152 -23.95 10.23 55.74
N LYS C 153 -22.88 10.34 54.97
CA LYS C 153 -22.91 11.01 53.68
C LYS C 153 -22.57 10.03 52.57
N GLY C 154 -22.96 10.39 51.34
CA GLY C 154 -22.65 9.55 50.20
C GLY C 154 -22.41 10.38 48.97
N GLU C 155 -21.66 9.79 48.04
CA GLU C 155 -21.19 10.51 46.88
C GLU C 155 -21.27 9.61 45.65
N ILE C 156 -21.94 10.08 44.60
CA ILE C 156 -22.11 9.29 43.40
C ILE C 156 -21.72 10.03 42.13
N ASN C 157 -20.99 9.35 41.25
CA ASN C 157 -20.87 9.81 39.87
C ASN C 157 -21.84 8.97 39.07
N GLN C 158 -22.93 9.60 38.66
CA GLN C 158 -24.08 8.87 38.14
C GLN C 158 -24.23 9.08 36.64
N ARG C 159 -24.28 7.99 35.88
CA ARG C 159 -24.39 8.07 34.43
C ARG C 159 -25.81 7.82 33.93
N LEU C 160 -26.34 8.80 33.22
CA LEU C 160 -27.66 8.67 32.61
C LEU C 160 -27.51 8.39 31.12
N LYS C 161 -28.18 7.35 30.63
CA LYS C 161 -28.03 6.96 29.24
C LYS C 161 -28.95 7.77 28.33
N LEU C 162 -28.35 8.36 27.29
CA LEU C 162 -29.09 9.14 26.32
C LEU C 162 -29.68 8.29 25.20
N LYS C 163 -30.81 8.74 24.66
CA LYS C 163 -31.47 8.09 23.54
C LYS C 163 -30.52 8.02 22.35
N ASP C 164 -30.41 6.84 21.74
CA ASP C 164 -29.45 6.67 20.65
C ASP C 164 -29.88 7.48 19.44
N ASP C 165 -29.00 8.36 18.97
CA ASP C 165 -29.34 9.25 17.86
C ASP C 165 -28.86 8.68 16.54
N LEU C 166 -27.56 8.77 16.28
CA LEU C 166 -26.99 8.42 14.99
C LEU C 166 -25.46 8.30 15.07
N PRO C 167 -24.81 7.86 13.98
CA PRO C 167 -23.33 7.80 13.88
C PRO C 167 -22.62 9.14 14.06
N ASP C 168 -23.37 10.24 14.01
CA ASP C 168 -22.82 11.59 14.03
C ASP C 168 -21.93 11.86 12.82
N ASP C 169 -20.78 12.50 13.05
CA ASP C 169 -19.88 12.87 11.97
C ASP C 169 -18.45 12.41 12.25
N HIS C 170 -17.90 11.63 11.33
CA HIS C 170 -16.53 11.14 11.44
C HIS C 170 -15.99 10.78 10.06
N TYR C 171 -14.78 10.21 9.99
CA TYR C 171 -14.23 9.83 8.69
C TYR C 171 -13.40 8.54 8.76
N LEU C 172 -13.12 7.98 7.59
CA LEU C 172 -12.30 6.78 7.46
C LEU C 172 -11.01 7.06 6.70
N SER C 173 -9.87 6.70 7.27
CA SER C 173 -8.60 6.81 6.57
C SER C 173 -8.27 5.50 5.85
N THR C 174 -7.89 5.60 4.57
CA THR C 174 -7.71 4.41 3.75
C THR C 174 -6.31 4.29 3.14
N GLN C 175 -5.81 3.07 3.07
CA GLN C 175 -4.60 2.76 2.31
C GLN C 175 -4.81 1.48 1.53
N THR C 176 -4.33 1.42 0.30
CA THR C 176 -4.54 0.24 -0.55
C THR C 176 -3.34 -0.04 -1.44
N ILE C 177 -2.98 -1.32 -1.54
CA ILE C 177 -1.97 -1.74 -2.51
C ILE C 177 -2.58 -2.72 -3.52
N LEU C 178 -2.35 -2.48 -4.80
CA LEU C 178 -2.83 -3.38 -5.84
C LEU C 178 -1.68 -4.14 -6.49
N SER C 179 -1.82 -5.45 -6.58
CA SER C 179 -0.77 -6.28 -7.14
C SER C 179 -1.34 -7.32 -8.09
N LYS C 180 -0.45 -8.11 -8.68
CA LYS C 180 -0.83 -9.16 -9.60
C LYS C 180 -0.33 -10.51 -9.12
N ASP C 181 -1.13 -11.55 -9.38
CA ASP C 181 -0.67 -12.92 -9.23
C ASP C 181 -0.05 -13.28 -10.57
N LEU C 182 1.25 -13.49 -10.57
CA LEU C 182 2.00 -13.69 -11.81
C LEU C 182 1.67 -15.03 -12.47
N ASN C 183 1.11 -15.96 -11.69
CA ASN C 183 0.71 -17.26 -12.22
C ASN C 183 -0.78 -17.32 -12.58
N GLU C 184 -1.49 -16.22 -12.36
CA GLU C 184 -2.91 -16.14 -12.66
C GLU C 184 -3.12 -15.84 -14.14
N LYS C 185 -3.86 -16.70 -14.83
CA LYS C 185 -4.04 -16.63 -16.27
C LYS C 185 -5.24 -15.78 -16.71
N ARG C 186 -6.05 -15.35 -15.74
CA ARG C 186 -7.20 -14.50 -16.02
C ARG C 186 -6.94 -13.05 -15.64
N ASP C 187 -7.66 -12.13 -16.27
CA ASP C 187 -7.52 -10.71 -15.96
C ASP C 187 -8.00 -10.53 -14.52
N HIS C 188 -7.12 -10.00 -13.68
CA HIS C 188 -7.32 -10.04 -12.24
C HIS C 188 -6.69 -8.90 -11.47
N MET C 189 -7.15 -8.72 -10.24
CA MET C 189 -6.58 -7.74 -9.32
C MET C 189 -6.41 -8.31 -7.91
N VAL C 190 -5.19 -8.31 -7.41
CA VAL C 190 -4.94 -8.69 -6.03
C VAL C 190 -4.89 -7.42 -5.19
N LEU C 191 -5.59 -7.44 -4.06
CA LEU C 191 -5.77 -6.22 -3.26
C LEU C 191 -5.54 -6.46 -1.76
N LEU C 192 -4.86 -5.51 -1.12
CA LEU C 192 -4.71 -5.51 0.33
C LEU C 192 -4.99 -4.10 0.85
N GLU C 193 -5.90 -3.99 1.82
CA GLU C 193 -6.40 -2.68 2.25
C GLU C 193 -6.42 -2.52 3.78
N TYR C 194 -6.14 -1.30 4.24
CA TYR C 194 -6.20 -0.96 5.66
C TYR C 194 -7.09 0.25 5.92
N VAL C 195 -8.15 0.06 6.69
CA VAL C 195 -9.07 1.15 7.02
C VAL C 195 -9.29 1.32 8.52
N THR C 196 -9.11 2.55 9.01
CA THR C 196 -9.35 2.87 10.41
C THR C 196 -10.15 4.16 10.57
N ALA C 197 -11.13 4.13 11.46
CA ALA C 197 -12.01 5.27 11.69
C ALA C 197 -11.40 6.31 12.63
N ALA C 198 -11.73 7.58 12.39
CA ALA C 198 -11.26 8.67 13.24
C ALA C 198 -12.23 9.85 13.21
N GLY C 199 -11.84 10.93 13.90
CA GLY C 199 -12.64 12.14 13.96
C GLY C 199 -13.36 12.39 15.29
N ILE C 200 -13.40 11.40 16.17
CA ILE C 200 -13.95 11.60 17.51
C ILE C 200 -13.02 11.10 18.62
N THR C 201 -12.65 12.00 19.53
CA THR C 201 -11.77 11.66 20.65
C THR C 201 -12.54 11.40 21.96
N ASP C 202 -13.34 12.39 22.37
CA ASP C 202 -13.91 12.47 23.73
C ASP C 202 -14.67 11.24 24.23
N ALA C 203 -15.18 10.44 23.30
CA ALA C 203 -15.77 9.12 23.56
C ALA C 203 -17.17 9.11 24.20
N SER C 204 -17.61 10.21 24.80
CA SER C 204 -18.95 10.17 25.37
C SER C 204 -19.94 11.13 24.73
N GLY C 205 -20.79 10.60 23.86
CA GLY C 205 -22.02 11.29 23.50
C GLY C 205 -23.21 10.47 23.94
N GLY C 206 -22.93 9.28 24.47
CA GLY C 206 -23.96 8.37 24.93
C GLY C 206 -24.45 8.57 26.34
N HIS C 207 -23.91 9.56 27.04
CA HIS C 207 -24.13 9.64 28.47
C HIS C 207 -24.31 11.07 29.01
N TYR C 208 -25.12 11.17 30.05
CA TYR C 208 -25.43 12.43 30.70
C TYR C 208 -25.04 12.31 32.17
N ASP C 209 -24.00 13.04 32.59
CA ASP C 209 -23.39 12.83 33.90
C ASP C 209 -23.88 13.79 34.99
N ALA C 210 -24.00 13.27 36.20
CA ALA C 210 -24.43 14.07 37.35
C ALA C 210 -23.56 13.82 38.56
N GLU C 211 -23.12 14.90 39.21
CA GLU C 211 -22.40 14.80 40.47
C GLU C 211 -23.40 14.85 41.61
N VAL C 212 -23.49 13.77 42.38
CA VAL C 212 -24.48 13.66 43.43
C VAL C 212 -23.84 13.60 44.82
N LYS C 213 -24.39 14.38 45.74
CA LYS C 213 -23.96 14.35 47.13
C LYS C 213 -25.17 14.25 48.05
N THR C 214 -25.24 13.18 48.83
CA THR C 214 -26.38 12.98 49.71
C THR C 214 -25.94 12.96 51.18
N THR C 215 -26.82 13.43 52.06
CA THR C 215 -26.58 13.40 53.48
C THR C 215 -27.74 12.69 54.18
N TYR C 216 -27.41 11.64 54.93
CA TYR C 216 -28.42 10.87 55.64
C TYR C 216 -28.30 11.09 57.15
N LYS C 217 -29.34 11.63 57.77
CA LYS C 217 -29.31 11.93 59.20
C LYS C 217 -30.34 11.11 59.96
N ALA C 218 -29.88 10.30 60.91
CA ALA C 218 -30.79 9.60 61.81
C ALA C 218 -31.37 10.56 62.83
N LYS C 219 -32.65 10.42 63.12
CA LYS C 219 -33.33 11.28 64.07
C LYS C 219 -32.85 11.04 65.51
N LYS C 220 -32.27 9.88 65.75
CA LYS C 220 -31.67 9.57 67.05
C LYS C 220 -30.21 9.16 66.86
N PRO C 221 -29.38 9.35 67.89
CA PRO C 221 -27.93 9.10 67.76
C PRO C 221 -27.58 7.63 67.70
N VAL C 222 -27.66 7.02 66.52
CA VAL C 222 -27.26 5.62 66.37
C VAL C 222 -25.83 5.46 65.86
N GLN C 223 -25.39 4.21 65.77
CA GLN C 223 -24.00 3.86 65.42
C GLN C 223 -23.66 4.11 63.95
N LEU C 224 -22.56 4.84 63.72
CA LEU C 224 -22.08 5.13 62.37
C LEU C 224 -21.07 4.11 61.86
N PRO C 225 -21.22 3.69 60.59
CA PRO C 225 -20.26 2.79 59.93
C PRO C 225 -19.00 3.52 59.48
N GLY C 226 -17.93 2.78 59.19
CA GLY C 226 -16.77 3.36 58.56
C GLY C 226 -17.04 3.62 57.09
N ALA C 227 -16.03 4.08 56.36
CA ALA C 227 -16.18 4.35 54.94
C ALA C 227 -16.33 3.06 54.15
N TYR C 228 -17.36 2.98 53.33
CA TYR C 228 -17.60 1.79 52.52
C TYR C 228 -18.36 2.14 51.24
N ASN C 229 -18.63 1.14 50.41
CA ASN C 229 -19.33 1.37 49.15
C ASN C 229 -20.66 0.61 49.04
N VAL C 230 -21.61 1.19 48.31
CA VAL C 230 -22.86 0.53 48.02
C VAL C 230 -23.11 0.47 46.51
N ASP C 231 -23.24 -0.74 45.99
CA ASP C 231 -23.52 -0.93 44.57
C ASP C 231 -25.02 -0.83 44.33
N ILE C 232 -25.42 -0.01 43.37
CA ILE C 232 -26.83 0.27 43.12
C ILE C 232 -27.19 0.10 41.65
N LYS C 233 -28.32 -0.55 41.38
CA LYS C 233 -28.86 -0.60 40.03
C LYS C 233 -30.37 -0.37 40.01
N LEU C 234 -30.79 0.70 39.34
CA LEU C 234 -32.21 1.02 39.22
C LEU C 234 -32.72 0.74 37.80
N ASP C 235 -33.85 0.05 37.72
CA ASP C 235 -34.46 -0.27 36.44
C ASP C 235 -35.91 0.22 36.39
N ILE C 236 -36.33 0.72 35.23
CA ILE C 236 -37.74 0.97 35.01
C ILE C 236 -38.30 -0.28 34.36
N THR C 237 -39.16 -0.99 35.10
CA THR C 237 -39.64 -2.29 34.65
C THR C 237 -40.79 -2.15 33.66
N SER C 238 -41.45 -1.00 33.69
CA SER C 238 -42.61 -0.73 32.86
C SER C 238 -43.11 0.69 33.07
N HIS C 239 -43.97 1.14 32.18
CA HIS C 239 -44.54 2.49 32.22
C HIS C 239 -45.55 2.64 31.10
N ASN C 240 -46.43 3.63 31.22
CA ASN C 240 -47.34 3.95 30.14
C ASN C 240 -46.69 4.95 29.20
N GLU C 241 -47.48 5.43 28.23
CA GLU C 241 -46.95 6.28 27.17
C GLU C 241 -46.40 7.60 27.70
N ASP C 242 -47.19 8.30 28.50
CA ASP C 242 -46.81 9.63 28.99
C ASP C 242 -46.09 9.61 30.33
N TYR C 243 -45.80 8.41 30.84
CA TYR C 243 -45.09 8.21 32.11
C TYR C 243 -45.85 8.79 33.31
N THR C 244 -47.16 8.64 33.32
CA THR C 244 -47.94 9.01 34.49
C THR C 244 -48.11 7.81 35.44
N ILE C 245 -47.75 6.63 34.94
CA ILE C 245 -47.71 5.43 35.76
C ILE C 245 -46.42 4.67 35.50
N VAL C 246 -45.59 4.52 36.53
CA VAL C 246 -44.28 3.91 36.37
C VAL C 246 -43.98 2.86 37.46
N GLU C 247 -43.39 1.73 37.05
CA GLU C 247 -42.94 0.71 37.98
C GLU C 247 -41.41 0.63 37.99
N GLN C 248 -40.83 0.59 39.18
CA GLN C 248 -39.38 0.58 39.32
C GLN C 248 -38.85 -0.62 40.10
N TYR C 249 -37.58 -0.95 39.86
CA TYR C 249 -36.90 -1.99 40.61
C TYR C 249 -35.49 -1.53 40.97
N GLU C 250 -35.01 -1.93 42.15
CA GLU C 250 -33.66 -1.58 42.58
C GLU C 250 -32.99 -2.69 43.39
N ARG C 251 -31.70 -2.88 43.15
CA ARG C 251 -30.90 -3.77 43.98
C ARG C 251 -29.70 -3.01 44.52
N ALA C 252 -29.55 -3.02 45.85
CA ALA C 252 -28.45 -2.31 46.49
C ALA C 252 -27.80 -3.18 47.56
N GLU C 253 -26.48 -3.33 47.48
CA GLU C 253 -25.75 -4.12 48.45
C GLU C 253 -24.47 -3.41 48.87
N GLY C 254 -24.21 -3.37 50.17
CA GLY C 254 -23.02 -2.73 50.68
C GLY C 254 -21.81 -3.65 50.72
N ARG C 255 -20.63 -3.07 50.51
CA ARG C 255 -19.38 -3.81 50.56
C ARG C 255 -18.25 -2.92 51.05
N HIS C 256 -17.15 -3.53 51.47
CA HIS C 256 -15.98 -2.79 51.93
C HIS C 256 -15.30 -2.06 50.78
N SER C 257 -14.70 -0.92 51.10
CA SER C 257 -14.21 0.01 50.08
C SER C 257 -12.96 -0.47 49.36
N THR C 258 -11.87 -0.63 50.11
CA THR C 258 -10.53 -0.93 49.56
C THR C 258 -10.55 -1.95 48.44
N ASN D 1 40.83 -36.00 -51.74
CA ASN D 1 42.22 -36.43 -51.66
C ASN D 1 43.03 -35.54 -50.72
N MET D 2 42.59 -34.28 -50.60
CA MET D 2 43.24 -33.29 -49.74
C MET D 2 44.71 -33.07 -50.10
N ALA D 3 45.04 -33.26 -51.37
CA ALA D 3 46.42 -33.07 -51.82
C ALA D 3 46.72 -31.59 -51.99
N ILE D 4 45.68 -30.81 -52.26
CA ILE D 4 45.85 -29.38 -52.51
C ILE D 4 45.66 -28.57 -51.22
N ILE D 5 44.48 -28.63 -50.62
CA ILE D 5 44.23 -28.00 -49.32
C ILE D 5 44.55 -28.98 -48.20
N LYS D 6 45.54 -28.63 -47.38
CA LYS D 6 45.96 -29.50 -46.29
C LYS D 6 45.02 -29.36 -45.10
N GLU D 7 45.28 -30.12 -44.04
CA GLU D 7 44.47 -30.07 -42.84
C GLU D 7 44.74 -28.76 -42.10
N PHE D 8 45.94 -28.23 -42.31
CA PHE D 8 46.35 -26.95 -41.74
C PHE D 8 46.90 -26.05 -42.83
N MET D 9 46.35 -24.85 -42.96
CA MET D 9 46.76 -23.92 -44.00
C MET D 9 47.00 -22.50 -43.49
N ARG D 10 48.03 -21.85 -44.01
CA ARG D 10 48.33 -20.46 -43.68
C ARG D 10 47.91 -19.54 -44.82
N PHE D 11 47.49 -18.32 -44.49
CA PHE D 11 47.21 -17.34 -45.53
C PHE D 11 47.85 -15.99 -45.23
N LYS D 12 48.06 -15.22 -46.29
CA LYS D 12 48.57 -13.86 -46.19
C LYS D 12 47.56 -12.94 -46.83
N VAL D 13 47.25 -11.82 -46.18
CA VAL D 13 46.20 -10.93 -46.67
C VAL D 13 46.67 -9.48 -46.81
N HIS D 14 46.29 -8.84 -47.91
CA HIS D 14 46.55 -7.42 -48.10
C HIS D 14 45.28 -6.67 -48.45
N MET D 15 45.01 -5.60 -47.71
CA MET D 15 43.87 -4.74 -47.99
C MET D 15 44.29 -3.29 -48.21
N GLU D 16 43.86 -2.71 -49.32
CA GLU D 16 43.97 -1.27 -49.51
C GLU D 16 42.55 -0.71 -49.57
N GLY D 17 42.32 0.37 -48.82
CA GLY D 17 40.98 0.91 -48.73
C GLY D 17 40.87 2.38 -48.38
N SER D 18 39.67 2.92 -48.61
CA SER D 18 39.35 4.28 -48.26
C SER D 18 37.96 4.35 -47.64
N VAL D 19 37.89 4.90 -46.42
CA VAL D 19 36.63 5.06 -45.72
C VAL D 19 36.44 6.51 -45.29
N ASN D 20 35.33 7.10 -45.74
CA ASN D 20 35.06 8.52 -45.55
C ASN D 20 36.25 9.41 -45.94
N GLY D 21 36.89 9.06 -47.04
CA GLY D 21 38.00 9.84 -47.56
C GLY D 21 39.33 9.56 -46.89
N HIS D 22 39.34 8.60 -45.97
CA HIS D 22 40.57 8.25 -45.26
C HIS D 22 41.18 6.98 -45.85
N GLU D 23 42.30 7.15 -46.54
CA GLU D 23 43.02 6.01 -47.12
C GLU D 23 43.78 5.24 -46.04
N PHE D 24 44.11 3.99 -46.34
CA PHE D 24 44.84 3.13 -45.41
C PHE D 24 45.19 1.81 -46.07
N GLU D 25 46.12 1.09 -45.46
CA GLU D 25 46.50 -0.24 -45.92
C GLU D 25 46.69 -1.17 -44.73
N ILE D 26 46.32 -2.43 -44.90
CA ILE D 26 46.46 -3.42 -43.84
C ILE D 26 47.11 -4.70 -44.37
N GLU D 27 48.14 -5.16 -43.66
CA GLU D 27 48.79 -6.42 -43.96
C GLU D 27 48.64 -7.36 -42.78
N GLY D 28 48.39 -8.64 -43.05
CA GLY D 28 48.18 -9.60 -41.98
C GLY D 28 48.55 -11.03 -42.34
N GLU D 29 48.75 -11.83 -41.30
CA GLU D 29 49.03 -13.24 -41.48
C GLU D 29 47.97 -14.05 -40.77
N GLY D 30 47.66 -15.22 -41.30
CA GLY D 30 46.62 -16.05 -40.71
C GLY D 30 46.88 -17.53 -40.89
N GLU D 31 46.15 -18.33 -40.12
CA GLU D 31 46.28 -19.78 -40.16
C GLU D 31 45.01 -20.43 -39.64
N GLY D 32 44.82 -21.71 -39.97
CA GLY D 32 43.65 -22.41 -39.49
C GLY D 32 43.49 -23.82 -40.03
N HIS D 33 42.32 -24.39 -39.80
CA HIS D 33 42.02 -25.75 -40.22
C HIS D 33 40.79 -25.72 -41.14
N PRO D 34 41.04 -25.64 -42.45
CA PRO D 34 40.01 -25.44 -43.49
C PRO D 34 38.85 -26.41 -43.37
N TYR D 35 39.14 -27.66 -42.97
CA TYR D 35 38.11 -28.67 -42.86
C TYR D 35 37.45 -28.68 -41.48
N GLU D 36 38.07 -28.01 -40.51
CA GLU D 36 37.49 -27.93 -39.16
C GLU D 36 36.63 -26.68 -38.97
N GLY D 37 36.70 -25.75 -39.92
CA GLY D 37 35.90 -24.55 -39.84
C GLY D 37 36.46 -23.43 -38.98
N THR D 38 37.72 -23.54 -38.59
CA THR D 38 38.33 -22.58 -37.66
C THR D 38 39.57 -21.91 -38.21
N GLN D 39 39.71 -20.62 -37.95
CA GLN D 39 40.88 -19.86 -38.39
C GLN D 39 41.17 -18.66 -37.50
N THR D 40 42.43 -18.24 -37.49
CA THR D 40 42.83 -17.02 -36.79
C THR D 40 43.69 -16.16 -37.71
N ALA D 41 43.80 -14.88 -37.38
CA ALA D 41 44.66 -13.98 -38.13
C ALA D 41 45.14 -12.81 -37.27
N LYS D 42 46.30 -12.27 -37.61
CA LYS D 42 46.83 -11.09 -36.95
C LYS D 42 47.03 -9.97 -37.97
N LEU D 43 46.24 -8.91 -37.84
CA LEU D 43 46.28 -7.80 -38.78
C LEU D 43 47.10 -6.62 -38.24
N LYS D 44 47.83 -5.98 -39.13
CA LYS D 44 48.61 -4.78 -38.80
C LYS D 44 48.26 -3.65 -39.75
N VAL D 45 48.19 -2.42 -39.24
CA VAL D 45 47.92 -1.28 -40.11
C VAL D 45 49.24 -0.68 -40.58
N THR D 46 49.55 -0.87 -41.85
CA THR D 46 50.84 -0.44 -42.39
C THR D 46 50.82 0.97 -42.95
N LYS D 47 49.63 1.51 -43.16
CA LYS D 47 49.47 2.87 -43.69
C LYS D 47 48.17 3.51 -43.22
N GLY D 48 48.22 4.82 -42.99
CA GLY D 48 47.04 5.57 -42.59
C GLY D 48 46.58 5.29 -41.18
N GLY D 49 47.48 4.74 -40.37
CA GLY D 49 47.17 4.48 -38.97
C GLY D 49 47.44 5.69 -38.11
N PRO D 50 46.68 5.85 -37.01
CA PRO D 50 45.53 5.02 -36.63
C PRO D 50 44.29 5.33 -37.45
N LEU D 51 43.33 4.41 -37.45
CA LEU D 51 42.09 4.57 -38.22
C LEU D 51 41.04 5.38 -37.47
N PRO D 52 40.45 6.38 -38.15
CA PRO D 52 39.40 7.27 -37.65
C PRO D 52 38.05 6.59 -37.42
N PHE D 53 37.88 5.38 -37.94
CA PHE D 53 36.59 4.69 -37.83
C PHE D 53 36.70 3.37 -37.06
N ALA D 54 35.56 2.72 -36.88
CA ALA D 54 35.49 1.47 -36.13
C ALA D 54 36.10 0.31 -36.91
N TRP D 55 36.85 -0.54 -36.21
CA TRP D 55 37.52 -1.67 -36.85
C TRP D 55 36.54 -2.73 -37.36
N ASP D 56 35.37 -2.81 -36.72
CA ASP D 56 34.45 -3.92 -36.95
C ASP D 56 33.95 -4.05 -38.38
N ILE D 57 33.98 -2.97 -39.15
CA ILE D 57 33.53 -3.03 -40.53
C ILE D 57 34.60 -3.68 -41.43
N LEU D 58 35.85 -3.62 -41.01
CA LEU D 58 36.94 -4.24 -41.74
C LEU D 58 37.10 -5.73 -41.46
N SER D 59 36.76 -6.15 -40.24
CA SER D 59 37.00 -7.53 -39.81
C SER D 59 36.35 -8.62 -40.69
N PRO D 60 35.10 -8.42 -41.17
CA PRO D 60 34.54 -9.48 -42.03
C PRO D 60 35.25 -9.64 -43.37
N GLN D 61 36.08 -8.68 -43.75
CA GLN D 61 36.73 -8.71 -45.06
C GLN D 61 38.04 -9.50 -45.06
N PHE D 62 38.48 -9.92 -43.89
CA PHE D 62 39.70 -10.73 -43.80
C PHE D 62 39.39 -12.22 -43.77
N SER D 64 37.37 -15.14 -45.94
CA SER D 64 38.25 -16.30 -45.95
C SER D 64 37.41 -17.58 -45.89
N LYS D 65 36.63 -17.80 -46.94
CA LYS D 65 35.58 -18.82 -46.92
C LYS D 65 36.06 -20.21 -47.31
N ALA D 66 37.36 -20.35 -47.60
CA ALA D 66 37.92 -21.68 -47.85
C ALA D 66 38.01 -22.45 -46.54
N TYR D 67 37.83 -21.72 -45.44
CA TYR D 67 37.92 -22.28 -44.10
C TYR D 67 36.58 -22.72 -43.53
N VAL D 68 35.51 -22.69 -44.33
CA VAL D 68 34.20 -23.14 -43.86
C VAL D 68 34.14 -24.67 -43.85
N LYS D 69 33.56 -25.24 -42.79
CA LYS D 69 33.45 -26.69 -42.70
C LYS D 69 32.21 -27.23 -43.41
N HIS D 70 32.44 -28.05 -44.43
CA HIS D 70 31.37 -28.60 -45.25
C HIS D 70 31.14 -30.10 -45.08
N PRO D 71 29.89 -30.50 -44.82
CA PRO D 71 29.47 -31.90 -44.89
C PRO D 71 29.73 -32.47 -46.28
N ALA D 72 29.87 -33.79 -46.38
CA ALA D 72 30.21 -34.43 -47.65
C ALA D 72 29.15 -34.21 -48.73
N ASP D 73 27.87 -34.24 -48.33
CA ASP D 73 26.79 -34.14 -49.31
C ASP D 73 26.58 -32.71 -49.80
N ILE D 74 27.27 -31.75 -49.19
CA ILE D 74 27.24 -30.38 -49.69
C ILE D 74 28.57 -30.07 -50.36
N PRO D 75 28.55 -29.86 -51.68
CA PRO D 75 29.79 -29.59 -52.42
C PRO D 75 30.49 -28.36 -51.89
N ASP D 76 31.79 -28.46 -51.65
CA ASP D 76 32.50 -27.29 -51.18
C ASP D 76 33.05 -26.61 -52.42
N TYR D 77 32.40 -25.52 -52.79
CA TYR D 77 32.62 -24.91 -54.09
C TYR D 77 33.91 -24.10 -54.08
N LEU D 78 34.19 -23.45 -52.96
CA LEU D 78 35.36 -22.61 -52.86
C LEU D 78 36.63 -23.42 -52.61
N LYS D 79 36.50 -24.55 -51.92
CA LYS D 79 37.64 -25.44 -51.74
C LYS D 79 38.04 -26.07 -53.07
N LEU D 80 37.04 -26.46 -53.86
CA LEU D 80 37.27 -27.06 -55.17
C LEU D 80 37.82 -26.06 -56.18
N SER D 81 37.74 -24.78 -55.86
CA SER D 81 38.15 -23.73 -56.80
C SER D 81 39.66 -23.65 -56.96
N PHE D 82 40.38 -24.29 -56.04
CA PHE D 82 41.84 -24.26 -56.04
C PHE D 82 42.43 -25.37 -56.90
N PRO D 83 43.70 -25.24 -57.33
CA PRO D 83 44.72 -24.22 -57.04
C PRO D 83 44.46 -22.84 -57.64
N GLU D 84 43.64 -22.75 -58.68
CA GLU D 84 43.38 -21.48 -59.35
C GLU D 84 42.79 -20.46 -58.39
N GLY D 85 41.81 -20.88 -57.60
CA GLY D 85 41.21 -19.99 -56.61
C GLY D 85 39.91 -19.35 -57.06
N PHE D 86 39.52 -18.29 -56.37
CA PHE D 86 38.24 -17.63 -56.62
C PHE D 86 38.31 -16.16 -56.23
N THR D 87 37.32 -15.39 -56.67
CA THR D 87 37.18 -14.00 -56.27
C THR D 87 35.82 -13.80 -55.60
N TRP D 88 35.68 -12.77 -54.77
CA TRP D 88 34.37 -12.39 -54.27
C TRP D 88 34.21 -10.87 -54.20
N GLU D 89 32.96 -10.42 -54.36
CA GLU D 89 32.62 -9.02 -54.26
C GLU D 89 31.42 -8.84 -53.34
N ARG D 90 31.43 -7.77 -52.56
CA ARG D 90 30.48 -7.63 -51.46
C ARG D 90 29.90 -6.23 -51.32
N VAL D 91 28.60 -6.15 -51.06
CA VAL D 91 27.94 -4.89 -50.74
C VAL D 91 27.33 -4.95 -49.35
N MET D 92 27.79 -4.06 -48.47
CA MET D 92 27.23 -3.94 -47.12
C MET D 92 26.38 -2.68 -47.03
N ASN D 93 25.08 -2.84 -46.78
CA ASN D 93 24.23 -1.66 -46.57
C ASN D 93 23.84 -1.48 -45.11
N PHE D 94 24.42 -0.46 -44.47
CA PHE D 94 24.09 -0.16 -43.09
C PHE D 94 22.84 0.72 -43.02
N GLU D 95 22.09 0.57 -41.92
CA GLU D 95 20.79 1.21 -41.75
C GLU D 95 20.82 2.74 -41.79
N ASP D 96 21.96 3.34 -41.47
CA ASP D 96 22.06 4.80 -41.43
C ASP D 96 22.50 5.35 -42.79
N GLY D 97 22.62 4.47 -43.77
CA GLY D 97 22.94 4.87 -45.12
C GLY D 97 24.36 4.59 -45.52
N GLY D 98 25.19 4.28 -44.53
CA GLY D 98 26.59 3.97 -44.79
C GLY D 98 26.72 2.70 -45.60
N VAL D 99 27.70 2.68 -46.50
CA VAL D 99 27.87 1.54 -47.39
C VAL D 99 29.33 1.09 -47.42
N VAL D 100 29.55 -0.22 -47.34
CA VAL D 100 30.86 -0.80 -47.54
C VAL D 100 30.83 -1.74 -48.75
N THR D 101 31.76 -1.54 -49.68
CA THR D 101 31.88 -2.41 -50.84
C THR D 101 33.27 -2.99 -50.89
N VAL D 102 33.36 -4.27 -51.27
CA VAL D 102 34.64 -4.98 -51.25
C VAL D 102 34.80 -5.84 -52.50
N THR D 103 36.02 -5.90 -53.03
CA THR D 103 36.39 -6.91 -54.01
C THR D 103 37.66 -7.60 -53.53
N GLN D 104 37.70 -8.91 -53.68
CA GLN D 104 38.81 -9.71 -53.16
C GLN D 104 39.24 -10.79 -54.14
N ASP D 105 40.52 -11.16 -54.08
CA ASP D 105 41.05 -12.22 -54.92
C ASP D 105 41.76 -13.26 -54.06
N SER D 106 41.33 -14.52 -54.18
CA SER D 106 41.94 -15.61 -53.42
C SER D 106 42.68 -16.56 -54.35
N SER D 107 44.00 -16.62 -54.20
CA SER D 107 44.82 -17.54 -54.97
C SER D 107 45.62 -18.43 -54.04
N LEU D 108 46.40 -19.34 -54.61
CA LEU D 108 47.21 -20.24 -53.83
C LEU D 108 48.64 -20.31 -54.37
N GLN D 109 49.61 -19.96 -53.53
CA GLN D 109 51.01 -19.96 -53.94
C GLN D 109 51.90 -20.54 -52.84
N ASP D 110 52.73 -21.51 -53.22
CA ASP D 110 53.69 -22.13 -52.31
C ASP D 110 53.05 -22.67 -51.02
N GLY D 111 51.86 -23.26 -51.15
CA GLY D 111 51.19 -23.87 -50.01
C GLY D 111 50.57 -22.88 -49.05
N GLU D 112 50.40 -21.64 -49.50
CA GLU D 112 49.76 -20.62 -48.69
C GLU D 112 48.72 -19.85 -49.51
N PHE D 113 47.58 -19.56 -48.89
CA PHE D 113 46.57 -18.76 -49.55
C PHE D 113 47.02 -17.31 -49.65
N ILE D 114 46.68 -16.66 -50.76
CA ILE D 114 47.01 -15.25 -50.92
C ILE D 114 45.73 -14.44 -51.09
N TYR D 115 45.51 -13.51 -50.17
CA TYR D 115 44.31 -12.67 -50.23
C TYR D 115 44.66 -11.24 -50.62
N LYS D 116 43.95 -10.72 -51.61
CA LYS D 116 44.13 -9.32 -52.02
C LYS D 116 42.79 -8.60 -51.94
N VAL D 117 42.72 -7.57 -51.11
CA VAL D 117 41.44 -6.91 -50.83
C VAL D 117 41.44 -5.43 -51.20
N LYS D 118 40.39 -5.00 -51.88
CA LYS D 118 40.17 -3.58 -52.13
C LYS D 118 38.83 -3.15 -51.53
N LEU D 119 38.85 -2.09 -50.73
CA LEU D 119 37.65 -1.70 -50.00
C LEU D 119 37.36 -0.21 -50.09
N LEU D 120 36.07 0.10 -50.09
CA LEU D 120 35.59 1.47 -49.99
C LEU D 120 34.49 1.54 -48.95
N GLY D 121 34.39 2.66 -48.24
CA GLY D 121 33.19 2.90 -47.49
C GLY D 121 32.81 4.36 -47.69
N THR D 122 31.51 4.61 -47.66
CA THR D 122 30.98 5.89 -48.14
C THR D 122 29.68 6.22 -47.45
N ASN D 123 29.41 7.52 -47.36
CA ASN D 123 28.18 8.04 -46.76
C ASN D 123 27.97 7.59 -45.32
N PHE D 124 29.05 7.43 -44.57
CA PHE D 124 28.95 7.19 -43.14
C PHE D 124 28.72 8.50 -42.42
N PRO D 125 27.57 8.64 -41.75
CA PRO D 125 27.30 9.88 -41.01
C PRO D 125 28.34 10.09 -39.92
N SER D 126 28.79 11.34 -39.77
CA SER D 126 29.90 11.68 -38.88
C SER D 126 29.59 11.40 -37.40
N ASP D 127 28.31 11.45 -37.04
CA ASP D 127 27.90 11.14 -35.68
C ASP D 127 27.47 9.67 -35.55
N GLY D 128 27.62 8.92 -36.64
CA GLY D 128 27.28 7.51 -36.64
C GLY D 128 28.22 6.68 -35.78
N PRO D 129 27.77 5.50 -35.35
CA PRO D 129 28.53 4.61 -34.46
C PRO D 129 29.85 4.13 -35.06
N VAL D 130 29.95 4.10 -36.40
CA VAL D 130 31.18 3.68 -37.06
C VAL D 130 32.27 4.75 -36.94
N MET D 131 31.91 6.00 -37.20
CA MET D 131 32.88 7.08 -37.11
C MET D 131 33.12 7.49 -35.65
N GLN D 132 32.20 7.11 -34.78
CA GLN D 132 32.33 7.41 -33.35
C GLN D 132 32.97 6.26 -32.58
N LYS D 133 33.31 5.19 -33.30
CA LYS D 133 33.89 3.99 -32.71
C LYS D 133 33.07 3.43 -31.55
N LYS D 134 31.75 3.36 -31.75
CA LYS D 134 30.84 2.86 -30.73
C LYS D 134 30.45 1.38 -30.89
N THR D 135 31.08 0.68 -31.83
CA THR D 135 30.71 -0.71 -32.09
C THR D 135 31.43 -1.70 -31.17
N MET D 136 30.70 -2.70 -30.68
CA MET D 136 31.25 -3.72 -29.80
C MET D 136 31.62 -5.04 -30.48
N GLY D 137 31.43 -5.13 -31.79
CA GLY D 137 31.71 -6.36 -32.50
C GLY D 137 30.47 -7.09 -33.00
N TRP D 138 30.68 -8.10 -33.84
CA TRP D 138 29.59 -8.74 -34.57
C TRP D 138 28.86 -9.83 -33.78
N GLU D 139 27.55 -9.86 -33.93
CA GLU D 139 26.74 -10.97 -33.46
C GLU D 139 26.99 -12.19 -34.32
N ALA D 140 26.68 -13.37 -33.79
CA ALA D 140 26.78 -14.59 -34.58
C ALA D 140 25.89 -14.46 -35.80
N SER D 141 26.41 -14.87 -36.96
CA SER D 141 25.71 -14.67 -38.21
C SER D 141 25.33 -15.97 -38.86
N THR D 142 24.28 -15.93 -39.68
CA THR D 142 23.94 -17.05 -40.55
C THR D 142 23.83 -16.54 -41.97
N GLU D 143 24.74 -16.99 -42.83
CA GLU D 143 24.73 -16.58 -44.21
C GLU D 143 23.96 -17.58 -45.06
N ARG D 144 22.89 -17.11 -45.69
CA ARG D 144 22.09 -17.95 -46.57
C ARG D 144 22.78 -18.06 -47.92
N MET D 145 23.10 -19.28 -48.33
CA MET D 145 23.83 -19.51 -49.56
C MET D 145 22.91 -20.09 -50.61
N TYR D 146 23.22 -19.81 -51.89
CA TYR D 146 22.40 -20.27 -53.00
C TYR D 146 23.06 -19.92 -54.33
N PRO D 147 23.02 -20.85 -55.30
CA PRO D 147 23.58 -20.63 -56.63
C PRO D 147 22.74 -19.65 -57.45
N GLU D 148 23.40 -18.71 -58.11
CA GLU D 148 22.73 -17.80 -59.03
C GLU D 148 23.74 -17.28 -60.06
N ASP D 149 23.26 -17.05 -61.28
CA ASP D 149 24.07 -16.44 -62.33
C ASP D 149 25.41 -17.17 -62.53
N GLY D 150 25.39 -18.49 -62.39
CA GLY D 150 26.60 -19.28 -62.55
C GLY D 150 27.64 -19.08 -61.47
N ALA D 151 27.24 -18.46 -60.35
CA ALA D 151 28.15 -18.24 -59.24
C ALA D 151 27.50 -18.64 -57.92
N LEU D 152 28.26 -18.51 -56.83
CA LEU D 152 27.72 -18.79 -55.51
C LEU D 152 27.49 -17.47 -54.78
N LYS D 153 26.26 -17.28 -54.32
CA LYS D 153 25.89 -16.03 -53.66
C LYS D 153 25.49 -16.28 -52.22
N GLY D 154 25.56 -15.23 -51.41
CA GLY D 154 25.18 -15.34 -50.02
C GLY D 154 24.58 -14.05 -49.48
N GLU D 155 23.75 -14.19 -48.46
CA GLU D 155 22.95 -13.09 -47.97
C GLU D 155 22.93 -13.11 -46.45
N ILE D 156 23.31 -12.00 -45.83
CA ILE D 156 23.36 -11.93 -44.38
C ILE D 156 22.60 -10.71 -43.88
N ASN D 157 21.83 -10.92 -42.81
CA ASN D 157 21.37 -9.80 -42.02
C ASN D 157 22.30 -9.77 -40.84
N GLN D 158 23.20 -8.80 -40.83
CA GLN D 158 24.34 -8.84 -39.91
C GLN D 158 24.16 -7.82 -38.80
N ARG D 159 24.23 -8.28 -37.56
CA ARG D 159 24.02 -7.43 -36.40
C ARG D 159 25.33 -7.01 -35.75
N LEU D 160 25.54 -5.71 -35.68
CA LEU D 160 26.70 -5.15 -35.02
C LEU D 160 26.27 -4.61 -33.66
N LYS D 161 27.00 -4.97 -32.61
CA LYS D 161 26.62 -4.58 -31.26
C LYS D 161 27.15 -3.18 -30.90
N LEU D 162 26.25 -2.34 -30.39
CA LEU D 162 26.59 -0.98 -29.98
C LEU D 162 27.13 -0.93 -28.55
N LYS D 163 28.02 0.02 -28.30
CA LYS D 163 28.60 0.21 -26.97
C LYS D 163 27.54 0.48 -25.90
N ASP D 164 27.61 -0.31 -24.83
CA ASP D 164 26.63 -0.24 -23.74
C ASP D 164 26.70 1.08 -22.99
N ASP D 165 25.54 1.71 -22.87
CA ASP D 165 25.39 3.05 -22.30
C ASP D 165 25.10 3.04 -20.81
N LEU D 166 25.21 1.87 -20.18
CA LEU D 166 24.82 1.65 -18.77
C LEU D 166 23.29 1.57 -18.71
N PRO D 167 22.70 1.24 -17.54
CA PRO D 167 21.24 1.05 -17.56
C PRO D 167 20.45 2.22 -18.13
N ASP D 168 19.57 1.88 -19.07
CA ASP D 168 18.81 2.87 -19.82
C ASP D 168 17.70 3.48 -18.98
N ASP D 169 17.24 4.66 -19.40
CA ASP D 169 16.23 5.41 -18.67
C ASP D 169 14.98 4.57 -18.43
N HIS D 170 14.60 4.44 -17.15
CA HIS D 170 13.41 3.69 -16.79
C HIS D 170 12.91 4.19 -15.46
N TYR D 171 11.89 3.52 -14.90
CA TYR D 171 11.34 3.95 -13.62
C TYR D 171 10.89 2.82 -12.71
N LEU D 172 10.69 3.15 -11.44
CA LEU D 172 10.19 2.21 -10.45
C LEU D 172 8.82 2.69 -9.97
N SER D 173 7.82 1.82 -10.07
CA SER D 173 6.50 2.15 -9.54
C SER D 173 6.38 1.65 -8.12
N THR D 174 5.92 2.52 -7.23
CA THR D 174 5.91 2.19 -5.80
C THR D 174 4.52 2.26 -5.19
N GLN D 175 4.27 1.34 -4.27
CA GLN D 175 3.08 1.38 -3.43
C GLN D 175 3.47 1.04 -2.01
N THR D 176 2.91 1.75 -1.04
CA THR D 176 3.28 1.55 0.35
C THR D 176 2.10 1.70 1.30
N ILE D 177 1.99 0.77 2.26
CA ILE D 177 1.01 0.89 3.32
C ILE D 177 1.71 1.02 4.67
N LEU D 178 1.29 2.01 5.45
CA LEU D 178 1.83 2.22 6.78
C LEU D 178 0.79 1.85 7.81
N SER D 179 1.17 1.01 8.77
CA SER D 179 0.24 0.55 9.79
C SER D 179 0.85 0.60 11.18
N LYS D 180 0.07 0.24 12.18
CA LYS D 180 0.56 0.22 13.55
C LYS D 180 0.40 -1.15 14.21
N ASP D 181 1.33 -1.47 15.10
CA ASP D 181 1.18 -2.61 15.99
C ASP D 181 0.40 -2.12 17.19
N LEU D 182 -0.80 -2.65 17.39
CA LEU D 182 -1.69 -2.15 18.42
C LEU D 182 -1.18 -2.49 19.81
N ASN D 183 -0.28 -3.46 19.90
CA ASN D 183 0.32 -3.85 21.18
C ASN D 183 1.68 -3.20 21.42
N GLU D 184 2.17 -2.45 20.45
CA GLU D 184 3.48 -1.81 20.59
C GLU D 184 3.39 -0.44 21.24
N LYS D 185 4.08 -0.26 22.38
CA LYS D 185 4.02 1.00 23.12
C LYS D 185 5.09 1.99 22.72
N ARG D 186 6.02 1.59 21.86
CA ARG D 186 7.10 2.48 21.47
C ARG D 186 6.74 3.24 20.20
N ASP D 187 7.53 4.25 19.87
CA ASP D 187 7.33 4.99 18.63
C ASP D 187 7.86 4.12 17.49
N HIS D 188 6.97 3.76 16.56
CA HIS D 188 7.33 2.74 15.57
C HIS D 188 6.56 2.91 14.26
N MET D 189 7.05 2.25 13.22
CA MET D 189 6.35 2.22 11.94
C MET D 189 6.37 0.84 11.31
N VAL D 190 5.18 0.29 11.04
CA VAL D 190 5.06 -0.95 10.30
C VAL D 190 4.83 -0.62 8.83
N LEU D 191 5.57 -1.30 7.96
CA LEU D 191 5.59 -0.93 6.54
C LEU D 191 5.43 -2.13 5.61
N LEU D 192 4.63 -1.94 4.56
CA LEU D 192 4.48 -2.93 3.50
C LEU D 192 4.61 -2.24 2.14
N GLU D 193 5.52 -2.74 1.31
CA GLU D 193 5.85 -2.03 0.09
C GLU D 193 5.90 -2.95 -1.13
N TYR D 194 5.42 -2.42 -2.26
CA TYR D 194 5.49 -3.12 -3.53
C TYR D 194 6.17 -2.24 -4.56
N VAL D 195 7.30 -2.70 -5.07
CA VAL D 195 8.00 -1.94 -6.09
C VAL D 195 8.24 -2.81 -7.32
N THR D 196 7.87 -2.30 -8.48
CA THR D 196 8.07 -3.01 -9.74
C THR D 196 8.68 -2.07 -10.78
N ALA D 197 9.68 -2.58 -11.50
CA ALA D 197 10.37 -1.77 -12.49
C ALA D 197 9.63 -1.78 -13.83
N ALA D 198 9.66 -0.65 -14.51
CA ALA D 198 9.04 -0.51 -15.83
C ALA D 198 9.74 0.62 -16.58
N GLY D 199 9.23 0.95 -17.76
CA GLY D 199 9.82 2.05 -18.52
C GLY D 199 10.67 1.57 -19.67
N ILE D 200 10.91 0.26 -19.72
CA ILE D 200 11.64 -0.32 -20.84
C ILE D 200 10.81 -1.42 -21.48
N THR D 201 10.45 -1.22 -22.76
CA THR D 201 9.64 -2.19 -23.48
C THR D 201 10.49 -3.31 -24.08
N ASP D 202 11.54 -2.94 -24.80
CA ASP D 202 12.38 -3.91 -25.53
C ASP D 202 13.46 -4.53 -24.66
N ALA D 203 13.71 -5.83 -24.85
CA ALA D 203 14.79 -6.52 -24.16
C ALA D 203 16.12 -6.26 -24.88
N SER D 204 17.08 -5.70 -24.15
CA SER D 204 18.40 -5.36 -24.72
C SER D 204 18.22 -4.52 -25.97
N GLY D 205 18.96 -4.86 -27.02
CA GLY D 205 18.64 -4.35 -28.34
C GLY D 205 19.46 -3.24 -28.93
N GLY D 206 20.52 -2.76 -28.24
CA GLY D 206 21.31 -1.75 -28.88
C GLY D 206 22.08 -2.43 -29.98
N HIS D 207 21.77 -2.05 -31.22
CA HIS D 207 22.24 -2.76 -32.41
C HIS D 207 22.41 -1.86 -33.62
N TYR D 208 23.37 -2.23 -34.47
CA TYR D 208 23.59 -1.54 -35.72
C TYR D 208 23.54 -2.58 -36.85
N ASP D 209 22.51 -2.48 -37.69
CA ASP D 209 22.21 -3.55 -38.65
C ASP D 209 22.76 -3.28 -40.04
N ALA D 210 23.19 -4.35 -40.70
CA ALA D 210 23.72 -4.27 -42.06
C ALA D 210 23.11 -5.34 -42.98
N GLU D 211 22.66 -4.91 -44.15
CA GLU D 211 22.20 -5.85 -45.18
C GLU D 211 23.36 -6.18 -46.11
N VAL D 212 23.76 -7.45 -46.11
CA VAL D 212 24.95 -7.85 -46.85
C VAL D 212 24.65 -8.80 -48.01
N LYS D 213 25.25 -8.51 -49.16
CA LYS D 213 25.14 -9.38 -50.32
C LYS D 213 26.52 -9.64 -50.92
N THR D 214 26.92 -10.90 -50.93
CA THR D 214 28.22 -11.29 -51.47
C THR D 214 28.06 -12.22 -52.67
N THR D 215 29.00 -12.14 -53.61
CA THR D 215 29.01 -13.04 -54.77
C THR D 215 30.38 -13.71 -54.87
N TYR D 216 30.39 -15.04 -54.86
CA TYR D 216 31.64 -15.80 -54.91
C TYR D 216 31.80 -16.50 -56.26
N LYS D 217 32.86 -16.16 -56.98
CA LYS D 217 33.10 -16.70 -58.32
C LYS D 217 34.37 -17.53 -58.39
N ALA D 218 34.25 -18.82 -58.71
CA ALA D 218 35.42 -19.66 -58.96
C ALA D 218 36.03 -19.31 -60.31
N LYS D 219 37.36 -19.25 -60.37
CA LYS D 219 38.06 -18.91 -61.59
C LYS D 219 37.93 -20.00 -62.66
N LYS D 220 37.63 -21.21 -62.22
CA LYS D 220 37.36 -22.31 -63.15
C LYS D 220 36.00 -22.91 -62.81
N PRO D 221 35.30 -23.46 -63.82
CA PRO D 221 33.92 -23.89 -63.60
C PRO D 221 33.81 -25.15 -62.75
N VAL D 222 33.89 -25.00 -61.44
CA VAL D 222 33.73 -26.16 -60.56
C VAL D 222 32.30 -26.28 -60.07
N GLN D 223 32.03 -27.34 -59.32
CA GLN D 223 30.66 -27.73 -58.97
C GLN D 223 30.00 -26.79 -57.96
N LEU D 224 28.80 -26.32 -58.30
CA LEU D 224 28.03 -25.44 -57.42
C LEU D 224 27.13 -26.24 -56.49
N PRO D 225 27.09 -25.85 -55.21
CA PRO D 225 26.19 -26.46 -54.22
C PRO D 225 24.76 -25.97 -54.35
N GLY D 226 23.81 -26.73 -53.81
CA GLY D 226 22.45 -26.26 -53.69
C GLY D 226 22.35 -25.22 -52.58
N ALA D 227 21.14 -24.76 -52.29
CA ALA D 227 20.93 -23.78 -51.24
C ALA D 227 21.17 -24.39 -49.87
N TYR D 228 21.97 -23.71 -49.06
CA TYR D 228 22.23 -24.15 -47.69
C TYR D 228 22.59 -22.97 -46.79
N ASN D 229 22.86 -23.24 -45.53
CA ASN D 229 23.15 -22.17 -44.57
C ASN D 229 24.55 -22.29 -44.00
N VAL D 230 25.16 -21.15 -43.67
CA VAL D 230 26.47 -21.15 -43.02
C VAL D 230 26.43 -20.34 -41.72
N ASP D 231 26.71 -21.02 -40.61
CA ASP D 231 26.78 -20.35 -39.32
C ASP D 231 28.19 -19.81 -39.09
N ILE D 232 28.28 -18.52 -38.76
CA ILE D 232 29.56 -17.85 -38.62
C ILE D 232 29.63 -17.07 -37.33
N LYS D 233 30.75 -17.14 -36.63
CA LYS D 233 30.99 -16.29 -35.47
C LYS D 233 32.40 -15.71 -35.53
N LEU D 234 32.49 -14.39 -35.59
CA LEU D 234 33.77 -13.70 -35.62
C LEU D 234 33.99 -12.98 -34.29
N ASP D 235 35.18 -13.17 -33.72
CA ASP D 235 35.53 -12.53 -32.45
C ASP D 235 36.84 -11.75 -32.56
N ILE D 236 36.90 -10.61 -31.89
CA ILE D 236 38.17 -9.91 -31.75
C ILE D 236 38.83 -10.40 -30.47
N THR D 237 39.92 -11.14 -30.62
CA THR D 237 40.55 -11.80 -29.49
C THR D 237 41.48 -10.89 -28.71
N SER D 238 41.93 -9.81 -29.36
CA SER D 238 42.88 -8.87 -28.77
C SER D 238 43.17 -7.73 -29.72
N HIS D 239 43.75 -6.66 -29.18
CA HIS D 239 44.09 -5.46 -29.94
C HIS D 239 44.80 -4.47 -29.05
N ASN D 240 45.52 -3.52 -29.66
CA ASN D 240 46.11 -2.43 -28.89
C ASN D 240 45.11 -1.27 -28.78
N GLU D 241 45.56 -0.16 -28.23
CA GLU D 241 44.67 0.96 -27.91
C GLU D 241 44.00 1.56 -29.16
N ASP D 242 44.79 1.91 -30.16
CA ASP D 242 44.28 2.60 -31.34
C ASP D 242 43.90 1.63 -32.46
N TYR D 243 43.96 0.33 -32.17
CA TYR D 243 43.61 -0.72 -33.12
C TYR D 243 44.51 -0.77 -34.35
N THR D 244 45.81 -0.54 -34.15
CA THR D 244 46.77 -0.69 -35.25
C THR D 244 47.30 -2.11 -35.33
N ILE D 245 47.03 -2.90 -34.29
CA ILE D 245 47.33 -4.33 -34.30
C ILE D 245 46.13 -5.09 -33.72
N VAL D 246 45.53 -5.96 -34.53
CA VAL D 246 44.33 -6.67 -34.10
C VAL D 246 44.41 -8.16 -34.41
N GLU D 247 43.94 -8.98 -33.48
CA GLU D 247 43.86 -10.42 -33.70
C GLU D 247 42.41 -10.88 -33.76
N GLN D 248 42.10 -11.73 -34.73
CA GLN D 248 40.73 -12.18 -34.93
C GLN D 248 40.61 -13.71 -34.89
N TYR D 249 39.41 -14.18 -34.59
CA TYR D 249 39.10 -15.60 -34.66
C TYR D 249 37.72 -15.79 -35.30
N GLU D 250 37.57 -16.82 -36.12
CA GLU D 250 36.29 -17.09 -36.74
C GLU D 250 36.02 -18.59 -36.87
N ARG D 251 34.78 -18.97 -36.62
CA ARG D 251 34.34 -20.34 -36.83
C ARG D 251 33.16 -20.35 -37.80
N ALA D 252 33.29 -21.11 -38.88
CA ALA D 252 32.24 -21.19 -39.90
C ALA D 252 31.99 -22.63 -40.33
N GLU D 253 30.74 -23.05 -40.24
CA GLU D 253 30.35 -24.40 -40.63
C GLU D 253 29.04 -24.40 -41.42
N GLY D 254 29.02 -25.14 -42.52
CA GLY D 254 27.83 -25.25 -43.35
C GLY D 254 26.87 -26.34 -42.93
N ARG D 255 25.59 -26.11 -43.16
CA ARG D 255 24.54 -27.07 -42.85
C ARG D 255 23.40 -26.94 -43.87
N HIS D 256 22.54 -27.95 -43.97
CA HIS D 256 21.41 -27.88 -44.90
C HIS D 256 20.39 -26.83 -44.45
N SER D 257 19.76 -26.19 -45.42
CA SER D 257 18.96 -24.99 -45.18
C SER D 257 17.68 -25.24 -44.38
N THR D 258 16.83 -26.12 -44.91
CA THR D 258 15.49 -26.37 -44.37
C THR D 258 15.45 -26.49 -42.84
#